data_7SZC
#
_entry.id   7SZC
#
_cell.length_a   73.290
_cell.length_b   48.240
_cell.length_c   128.550
_cell.angle_alpha   90.000
_cell.angle_beta   96.050
_cell.angle_gamma   90.000
#
_symmetry.space_group_name_H-M   'P 1 21 1'
#
loop_
_entity.id
_entity.type
_entity.pdbx_description
1 polymer 'EKC/KEOPS complex subunit TP53RK'
2 polymer 'EKC/KEOPS complex subunit TPRKB'
3 non-polymer 'D(-)-TARTARIC ACID'
4 non-polymer 4-hydroxy-2-[(3R)-3-methyl-2,6-dioxopiperidin-3-yl]-1H-isoindole-1,3(2H)-dione
5 water water
#
loop_
_entity_poly.entity_id
_entity_poly.type
_entity_poly.pdbx_seq_one_letter_code
_entity_poly.pdbx_strand_id
1 'polypeptide(L)'
;GPMAAARATTPADGEEPAPEAEALAAARERSSRFLSGLELVKQGAEARVFRGRFQGRAAVIKHRFPKGYRHPALEARLGR
RRTVQEARALLRCRRAGISAPVVFFVDYASNCLYMEEIEGSVTVRDYIQSTMETEKTPQGLSNLAKTIGQVLARMHDEDL
IHGDLTTSNMLLKPPLEQLNIVLIDFGLSFISALPEDKGVDLYVLEKAFLSTHPNTETVFEAFLKSYSTSSKKARPVLKK
LDEVRLRGRKRSMVG
;
A,C
2 'polypeptide(L)'
;GPHMQLTHQLDLFPECRVTLLLFKDVKNAGDLRRKAMEGTIDGSLINPTVIVDPFQILVAANKAVHLYKLGKMKTRTLST
EIIFNLSPNNNISEALKKFGISANDTSILIVYIEEGEKQINQEYLISQVEGHQVSLKNLPEIMNITEVKKIYKLSSQEES
IGTLLDAIICRMSTKDVL
;
B,D
#
loop_
_chem_comp.id
_chem_comp.type
_chem_comp.name
_chem_comp.formula
DO0 non-polymer 4-hydroxy-2-[(3R)-3-methyl-2,6-dioxopiperidin-3-yl]-1H-isoindole-1,3(2H)-dione 'C14 H12 N2 O5'
TAR non-polymer 'D(-)-TARTARIC ACID' 'C4 H6 O6'
#
# COMPACT_ATOMS: atom_id res chain seq x y z
N GLU A 20 44.16 15.15 -9.16
CA GLU A 20 43.06 14.51 -8.47
C GLU A 20 42.98 15.03 -7.04
N ALA A 21 44.15 15.28 -6.44
CA ALA A 21 44.18 15.81 -5.08
C ALA A 21 43.52 17.18 -5.00
N GLU A 22 43.81 18.07 -5.96
CA GLU A 22 43.19 19.39 -5.93
C GLU A 22 41.67 19.30 -6.03
N ALA A 23 41.17 18.49 -6.97
CA ALA A 23 39.73 18.37 -7.12
C ALA A 23 39.10 17.75 -5.90
N LEU A 24 39.75 16.72 -5.34
CA LEU A 24 39.26 16.13 -4.09
C LEU A 24 39.26 17.15 -2.95
N ALA A 25 40.32 17.95 -2.83
CA ALA A 25 40.33 18.96 -1.80
C ALA A 25 39.20 19.97 -1.99
N ALA A 26 38.94 20.37 -3.24
CA ALA A 26 37.88 21.34 -3.50
C ALA A 26 36.53 20.77 -3.11
N ALA A 27 36.30 19.48 -3.38
CA ALA A 27 35.03 18.86 -3.02
C ALA A 27 34.83 18.80 -1.50
N ARG A 28 35.90 18.49 -0.77
CA ARG A 28 35.78 18.45 0.70
C ARG A 28 35.53 19.85 1.26
N GLU A 29 36.12 20.86 0.64
CA GLU A 29 35.86 22.22 1.08
C GLU A 29 34.41 22.62 0.76
N ARG A 30 33.90 22.21 -0.41
CA ARG A 30 32.49 22.42 -0.70
C ARG A 30 31.61 21.79 0.36
N SER A 31 31.92 20.57 0.76
CA SER A 31 31.13 19.88 1.78
C SER A 31 31.19 20.64 3.11
N SER A 32 32.39 21.03 3.54
CA SER A 32 32.50 21.80 4.77
C SER A 32 31.68 23.07 4.71
N ARG A 33 31.72 23.77 3.57
CA ARG A 33 30.92 24.99 3.42
C ARG A 33 29.43 24.72 3.56
N PHE A 34 28.95 23.66 2.90
CA PHE A 34 27.53 23.32 2.96
C PHE A 34 27.12 22.97 4.39
N LEU A 35 27.92 22.15 5.08
CA LEU A 35 27.59 21.81 6.47
C LEU A 35 27.55 23.05 7.36
N SER A 36 28.41 24.03 7.10
CA SER A 36 28.44 25.19 7.97
C SER A 36 27.16 26.01 7.88
N GLY A 37 26.35 25.80 6.84
CA GLY A 37 25.04 26.42 6.72
C GLY A 37 23.91 25.64 7.36
N LEU A 38 24.18 24.47 7.93
CA LEU A 38 23.15 23.63 8.51
C LEU A 38 23.18 23.71 10.04
N GLU A 39 22.08 23.29 10.66
CA GLU A 39 21.98 23.20 12.12
C GLU A 39 22.47 21.85 12.62
N LEU A 40 23.48 21.85 13.49
CA LEU A 40 23.89 20.59 14.11
C LEU A 40 22.78 20.15 15.07
N VAL A 41 22.26 18.94 14.89
CA VAL A 41 21.18 18.49 15.76
C VAL A 41 21.55 17.28 16.61
N LYS A 42 22.59 16.53 16.28
CA LYS A 42 22.94 15.35 17.04
C LYS A 42 24.41 15.05 16.80
N GLN A 43 25.06 14.51 17.83
CA GLN A 43 26.43 14.04 17.67
C GLN A 43 26.63 12.75 18.46
N GLY A 44 27.11 11.70 17.79
CA GLY A 44 27.50 10.48 18.44
C GLY A 44 29.00 10.32 18.53
N ALA A 45 29.44 9.09 18.77
CA ALA A 45 30.87 8.82 18.81
C ALA A 45 31.53 9.03 17.46
N GLU A 46 30.81 8.77 16.36
CA GLU A 46 31.40 8.72 15.03
C GLU A 46 30.76 9.65 14.02
N ALA A 47 29.57 10.17 14.30
CA ALA A 47 28.88 10.94 13.29
C ALA A 47 28.25 12.19 13.89
N ARG A 48 28.28 13.27 13.11
CA ARG A 48 27.50 14.46 13.40
C ARG A 48 26.31 14.51 12.44
N VAL A 49 25.14 14.83 12.97
CA VAL A 49 23.92 14.91 12.17
C VAL A 49 23.50 16.36 12.09
N PHE A 50 23.43 16.89 10.87
CA PHE A 50 23.03 18.26 10.59
C PHE A 50 21.68 18.26 9.88
N ARG A 51 20.93 19.35 10.05
CA ARG A 51 19.61 19.44 9.44
C ARG A 51 19.45 20.73 8.66
N GLY A 52 18.75 20.63 7.53
CA GLY A 52 18.46 21.81 6.72
C GLY A 52 17.63 21.43 5.51
N ARG A 53 17.82 22.12 4.38
CA ARG A 53 17.13 21.79 3.14
C ARG A 53 18.13 21.28 2.14
N PHE A 54 17.71 20.30 1.34
CA PHE A 54 18.48 19.82 0.21
C PHE A 54 17.56 19.84 -1.00
N GLN A 55 17.85 20.75 -1.94
CA GLN A 55 17.05 20.94 -3.15
C GLN A 55 15.56 20.98 -2.82
N GLY A 56 15.23 21.82 -1.84
CA GLY A 56 13.85 22.09 -1.50
C GLY A 56 13.17 21.10 -0.59
N ARG A 57 13.86 20.03 -0.17
CA ARG A 57 13.29 19.03 0.74
C ARG A 57 13.98 19.10 2.10
N ALA A 58 13.20 18.89 3.17
CA ALA A 58 13.79 18.82 4.51
C ALA A 58 14.74 17.64 4.58
N ALA A 59 15.97 17.89 5.02
CA ALA A 59 17.03 16.90 4.89
C ALA A 59 17.87 16.86 6.15
N VAL A 60 18.50 15.72 6.38
CA VAL A 60 19.58 15.64 7.37
C VAL A 60 20.82 15.14 6.65
N ILE A 61 21.96 15.67 7.01
CA ILE A 61 23.22 15.26 6.41
C ILE A 61 24.06 14.73 7.54
N LYS A 62 24.50 13.49 7.42
CA LYS A 62 25.30 12.85 8.45
C LYS A 62 26.74 12.81 7.99
N HIS A 63 27.62 13.41 8.77
CA HIS A 63 29.04 13.44 8.44
C HIS A 63 29.77 12.53 9.39
N ARG A 64 30.39 11.49 8.85
CA ARG A 64 31.28 10.65 9.65
C ARG A 64 32.59 11.40 9.74
N PHE A 65 32.89 11.92 10.93
CA PHE A 65 33.99 12.87 11.05
C PHE A 65 35.20 12.18 11.68
N PRO A 66 36.38 12.52 11.20
CA PRO A 66 37.61 11.91 11.70
C PRO A 66 38.00 12.43 13.08
N LYS A 67 38.66 11.57 13.84
CA LYS A 67 39.32 11.96 15.08
C LYS A 67 40.82 12.08 14.83
N GLY A 68 41.40 13.18 15.30
CA GLY A 68 42.81 13.44 15.00
C GLY A 68 43.75 12.38 15.53
N TYR A 69 43.40 11.71 16.63
CA TYR A 69 44.35 10.82 17.28
C TYR A 69 44.40 9.44 16.66
N ARG A 70 43.53 9.11 15.71
CA ARG A 70 43.57 7.82 15.02
C ARG A 70 44.33 7.95 13.71
N HIS A 71 44.77 6.81 13.18
CA HIS A 71 45.54 6.82 11.93
C HIS A 71 44.65 7.31 10.78
N PRO A 72 45.08 8.32 10.03
CA PRO A 72 44.19 8.92 9.01
C PRO A 72 43.70 7.95 7.97
N ALA A 73 44.54 6.99 7.56
CA ALA A 73 44.10 6.00 6.58
C ALA A 73 42.97 5.14 7.15
N LEU A 74 43.09 4.77 8.43
CA LEU A 74 42.04 4.01 9.08
C LEU A 74 40.76 4.83 9.22
N GLU A 75 40.90 6.12 9.55
CA GLU A 75 39.71 6.94 9.73
C GLU A 75 38.95 7.12 8.42
N ALA A 76 39.67 7.30 7.32
CA ALA A 76 38.99 7.41 6.03
C ALA A 76 38.27 6.10 5.70
N ARG A 77 38.91 4.96 5.93
CA ARG A 77 38.28 3.67 5.68
C ARG A 77 37.03 3.50 6.54
N LEU A 78 37.15 3.81 7.84
CA LEU A 78 36.03 3.64 8.76
C LEU A 78 34.86 4.54 8.37
N GLY A 79 35.15 5.80 8.07
CA GLY A 79 34.08 6.71 7.67
C GLY A 79 33.39 6.23 6.40
N ARG A 80 34.18 5.78 5.43
CA ARG A 80 33.59 5.26 4.20
C ARG A 80 32.76 4.02 4.48
N ARG A 81 33.30 3.10 5.29
CA ARG A 81 32.57 1.85 5.51
C ARG A 81 31.22 2.10 6.15
N ARG A 82 31.17 2.97 7.17
CA ARG A 82 29.91 3.20 7.84
C ARG A 82 28.93 3.97 6.96
N THR A 83 29.44 4.85 6.10
CA THR A 83 28.58 5.56 5.15
C THR A 83 27.97 4.58 4.17
N VAL A 84 28.79 3.70 3.62
CA VAL A 84 28.30 2.69 2.67
C VAL A 84 27.29 1.76 3.32
N GLN A 85 27.61 1.29 4.53
CA GLN A 85 26.69 0.34 5.15
C GLN A 85 25.34 0.99 5.47
N GLU A 86 25.35 2.25 5.90
CA GLU A 86 24.07 2.88 6.20
C GLU A 86 23.26 3.09 4.92
N ALA A 87 23.92 3.52 3.84
CA ALA A 87 23.20 3.72 2.59
C ALA A 87 22.59 2.42 2.12
N ARG A 88 23.34 1.32 2.21
CA ARG A 88 22.84 0.02 1.77
C ARG A 88 21.67 -0.43 2.65
N ALA A 89 21.80 -0.24 3.96
CA ALA A 89 20.73 -0.62 4.87
C ALA A 89 19.44 0.14 4.58
N LEU A 90 19.56 1.45 4.33
CA LEU A 90 18.35 2.24 4.10
C LEU A 90 17.66 1.82 2.81
N LEU A 91 18.43 1.49 1.78
CA LEU A 91 17.83 0.97 0.55
C LEU A 91 17.14 -0.35 0.83
N ARG A 92 17.81 -1.23 1.55
CA ARG A 92 17.20 -2.52 1.89
C ARG A 92 15.90 -2.32 2.64
N CYS A 93 15.88 -1.40 3.61
CA CYS A 93 14.67 -1.14 4.38
C CYS A 93 13.53 -0.70 3.46
N ARG A 94 13.79 0.32 2.64
CA ARG A 94 12.72 0.85 1.79
C ARG A 94 12.15 -0.24 0.88
N ARG A 95 13.00 -1.04 0.25
CA ARG A 95 12.48 -2.08 -0.65
C ARG A 95 11.74 -3.17 0.12
N ALA A 96 12.05 -3.35 1.40
CA ALA A 96 11.38 -4.32 2.23
C ALA A 96 10.17 -3.75 2.96
N GLY A 97 9.85 -2.47 2.75
CA GLY A 97 8.71 -1.87 3.42
C GLY A 97 8.94 -1.61 4.89
N ILE A 98 10.20 -1.45 5.31
CA ILE A 98 10.55 -1.07 6.68
C ILE A 98 10.76 0.43 6.68
N SER A 99 10.01 1.14 7.51
CA SER A 99 10.08 2.60 7.52
C SER A 99 11.42 3.06 8.08
N ALA A 100 12.13 3.85 7.28
CA ALA A 100 13.43 4.43 7.60
C ALA A 100 13.64 5.58 6.65
N PRO A 101 14.59 6.48 6.92
CA PRO A 101 14.78 7.61 6.01
C PRO A 101 15.20 7.16 4.62
N VAL A 102 14.73 7.87 3.59
CA VAL A 102 15.28 7.62 2.26
C VAL A 102 16.57 8.42 2.08
N VAL A 103 17.43 7.87 1.24
CA VAL A 103 18.73 8.46 0.93
C VAL A 103 18.58 9.35 -0.29
N PHE A 104 19.05 10.60 -0.19
CA PHE A 104 19.07 11.52 -1.31
C PHE A 104 20.39 11.50 -2.08
N PHE A 105 21.52 11.41 -1.38
CA PHE A 105 22.81 11.62 -2.01
C PHE A 105 23.87 11.09 -1.06
N VAL A 106 24.87 10.38 -1.60
CA VAL A 106 26.00 9.93 -0.80
C VAL A 106 27.27 10.53 -1.37
N ASP A 107 27.99 11.31 -0.54
CA ASP A 107 29.21 12.00 -0.93
C ASP A 107 30.38 11.20 -0.37
N TYR A 108 31.03 10.41 -1.21
CA TYR A 108 32.15 9.61 -0.74
C TYR A 108 33.45 10.40 -0.69
N ALA A 109 33.47 11.61 -1.25
CA ALA A 109 34.64 12.46 -1.06
C ALA A 109 34.72 12.96 0.38
N SER A 110 33.57 13.15 1.03
CA SER A 110 33.50 13.73 2.37
C SER A 110 32.91 12.81 3.42
N ASN A 111 32.47 11.60 3.04
CA ASN A 111 31.76 10.71 3.96
C ASN A 111 30.54 11.39 4.57
N CYS A 112 29.73 11.98 3.70
CA CYS A 112 28.49 12.62 4.12
C CYS A 112 27.32 11.90 3.47
N LEU A 113 26.31 11.62 4.27
CA LEU A 113 25.13 10.90 3.78
C LEU A 113 23.94 11.82 3.90
N TYR A 114 23.30 12.14 2.77
CA TYR A 114 22.16 13.06 2.74
C TYR A 114 20.89 12.25 2.68
N MET A 115 19.96 12.58 3.58
CA MET A 115 18.85 11.74 3.99
C MET A 115 17.63 12.63 4.21
N GLU A 116 16.45 12.04 4.06
CA GLU A 116 15.22 12.73 4.44
C GLU A 116 15.20 13.03 5.94
N GLU A 117 14.74 14.24 6.31
CA GLU A 117 14.44 14.50 7.72
C GLU A 117 13.10 13.89 8.10
N ILE A 118 13.05 13.23 9.25
CA ILE A 118 11.78 12.74 9.79
C ILE A 118 11.20 13.89 10.61
N GLU A 119 10.48 14.78 9.94
CA GLU A 119 10.11 16.06 10.53
C GLU A 119 9.14 15.90 11.70
N GLY A 120 9.36 16.70 12.73
CA GLY A 120 8.43 16.76 13.85
C GLY A 120 8.34 15.47 14.66
N SER A 121 9.31 14.57 14.49
CA SER A 121 9.28 13.29 15.18
C SER A 121 9.90 13.42 16.56
N VAL A 122 9.63 12.42 17.39
CA VAL A 122 10.17 12.34 18.74
C VAL A 122 10.78 10.96 18.91
N THR A 123 11.88 10.88 19.64
CA THR A 123 12.44 9.55 19.90
C THR A 123 11.50 8.73 20.77
N VAL A 124 11.58 7.40 20.59
CA VAL A 124 10.89 6.49 21.50
C VAL A 124 11.35 6.76 22.92
N ARG A 125 12.64 7.06 23.09
CA ARG A 125 13.17 7.36 24.41
C ARG A 125 12.41 8.51 25.05
N ASP A 126 12.24 9.61 24.33
CA ASP A 126 11.57 10.77 24.90
C ASP A 126 10.10 10.46 25.15
N TYR A 127 9.48 9.69 24.25
CA TYR A 127 8.07 9.36 24.39
C TYR A 127 7.84 8.50 25.64
N ILE A 128 8.68 7.49 25.85
CA ILE A 128 8.55 6.65 27.03
C ILE A 128 8.78 7.47 28.29
N GLN A 129 9.87 8.24 28.30
CA GLN A 129 10.18 9.02 29.50
C GLN A 129 9.07 10.02 29.83
N SER A 130 8.52 10.68 28.82
CA SER A 130 7.42 11.61 29.08
C SER A 130 6.21 10.87 29.65
N THR A 131 5.92 9.69 29.10
CA THR A 131 4.81 8.90 29.61
C THR A 131 5.05 8.51 31.07
N MET A 132 6.22 7.97 31.36
CA MET A 132 6.53 7.60 32.75
C MET A 132 6.39 8.80 33.67
N GLU A 133 6.77 9.99 33.18
CA GLU A 133 6.68 11.19 34.02
C GLU A 133 5.23 11.57 34.31
N THR A 134 4.37 11.52 33.29
CA THR A 134 2.99 11.99 33.46
C THR A 134 2.06 10.89 33.98
N GLU A 135 1.94 9.80 33.22
CA GLU A 135 1.04 8.72 33.63
C GLU A 135 1.52 8.03 34.90
N LYS A 136 2.84 8.04 35.16
CA LYS A 136 3.42 7.39 36.33
C LYS A 136 3.20 5.88 36.31
N THR A 137 3.15 5.29 35.12
CA THR A 137 2.95 3.86 34.95
C THR A 137 3.17 3.51 33.48
N PRO A 138 3.72 2.32 33.18
CA PRO A 138 3.98 1.93 31.79
C PRO A 138 2.85 1.18 31.11
N GLN A 139 1.68 1.07 31.74
CA GLN A 139 0.61 0.21 31.21
C GLN A 139 0.20 0.62 29.80
N GLY A 140 0.20 1.93 29.52
CA GLY A 140 -0.19 2.44 28.22
C GLY A 140 0.86 2.38 27.14
N LEU A 141 2.01 1.77 27.42
CA LEU A 141 3.08 1.62 26.43
C LEU A 141 3.14 0.23 25.81
N SER A 142 2.21 -0.66 26.12
CA SER A 142 2.25 -2.01 25.54
C SER A 142 2.00 -1.95 24.03
N ASN A 143 1.13 -1.06 23.58
CA ASN A 143 0.88 -0.91 22.14
C ASN A 143 2.14 -0.47 21.41
N LEU A 144 2.85 0.52 21.97
CA LEU A 144 4.14 0.92 21.42
C LEU A 144 5.11 -0.26 21.35
N ALA A 145 5.21 -1.01 22.44
CA ALA A 145 6.11 -2.16 22.44
C ALA A 145 5.73 -3.17 21.35
N LYS A 146 4.43 -3.40 21.17
CA LYS A 146 4.02 -4.37 20.16
C LYS A 146 4.40 -3.89 18.76
N THR A 147 4.28 -2.59 18.50
CA THR A 147 4.69 -2.04 17.21
C THR A 147 6.18 -2.21 16.97
N ILE A 148 7.00 -1.88 17.97
CA ILE A 148 8.44 -2.07 17.83
C ILE A 148 8.75 -3.53 17.57
N GLY A 149 8.03 -4.43 18.22
CA GLY A 149 8.25 -5.86 17.96
C GLY A 149 8.00 -6.23 16.51
N GLN A 150 6.92 -5.71 15.94
CA GLN A 150 6.64 -6.00 14.53
C GLN A 150 7.69 -5.41 13.60
N VAL A 151 8.14 -4.19 13.89
CA VAL A 151 9.13 -3.53 13.03
C VAL A 151 10.45 -4.27 13.08
N LEU A 152 10.93 -4.60 14.27
CA LEU A 152 12.23 -5.22 14.34
C LEU A 152 12.17 -6.68 13.89
N ALA A 153 11.02 -7.33 14.03
CA ALA A 153 10.87 -8.66 13.44
C ALA A 153 11.02 -8.58 11.92
N ARG A 154 10.39 -7.59 11.30
CA ARG A 154 10.53 -7.45 9.85
C ARG A 154 11.98 -7.18 9.46
N MET A 155 12.67 -6.36 10.26
CA MET A 155 14.05 -6.01 9.93
C MET A 155 14.93 -7.25 10.00
N HIS A 156 14.80 -8.01 11.09
CA HIS A 156 15.61 -9.22 11.21
C HIS A 156 15.25 -10.24 10.15
N ASP A 157 13.96 -10.34 9.79
CA ASP A 157 13.58 -11.31 8.78
C ASP A 157 14.14 -10.94 7.40
N GLU A 158 14.61 -9.70 7.23
CA GLU A 158 15.39 -9.35 6.04
C GLU A 158 16.88 -9.51 6.25
N ASP A 159 17.28 -10.20 7.33
CA ASP A 159 18.67 -10.45 7.68
C ASP A 159 19.47 -9.16 7.85
N LEU A 160 18.80 -8.09 8.30
CA LEU A 160 19.43 -6.80 8.56
C LEU A 160 19.66 -6.68 10.06
N ILE A 161 20.91 -6.69 10.47
CA ILE A 161 21.28 -6.45 11.87
C ILE A 161 21.54 -4.96 12.04
N HIS A 162 20.83 -4.31 12.96
CA HIS A 162 21.00 -2.85 13.08
C HIS A 162 22.37 -2.48 13.65
N GLY A 163 22.78 -3.17 14.71
CA GLY A 163 24.11 -3.02 15.27
C GLY A 163 24.20 -2.07 16.45
N ASP A 164 23.21 -1.20 16.61
CA ASP A 164 23.29 -0.18 17.66
C ASP A 164 21.90 0.20 18.15
N LEU A 165 21.07 -0.79 18.47
CA LEU A 165 19.68 -0.48 18.81
C LEU A 165 19.60 0.20 20.19
N THR A 166 18.88 1.31 20.22
CA THR A 166 18.49 2.01 21.44
C THR A 166 17.11 2.60 21.20
N THR A 167 16.49 3.09 22.27
CA THR A 167 15.25 3.83 22.04
C THR A 167 15.47 5.23 21.48
N SER A 168 16.72 5.67 21.28
CA SER A 168 16.95 6.93 20.58
C SER A 168 17.12 6.75 19.09
N ASN A 169 17.32 5.51 18.63
CA ASN A 169 17.46 5.23 17.21
C ASN A 169 16.16 4.73 16.61
N MET A 170 15.05 4.99 17.29
CA MET A 170 13.70 4.72 16.78
C MET A 170 12.91 6.00 16.96
N LEU A 171 12.27 6.48 15.89
CA LEU A 171 11.51 7.72 15.94
C LEU A 171 10.03 7.43 15.79
N LEU A 172 9.22 8.30 16.39
CA LEU A 172 7.76 8.29 16.22
C LEU A 172 7.41 9.50 15.36
N LYS A 173 6.91 9.23 14.14
CA LYS A 173 6.53 10.25 13.15
C LYS A 173 5.11 10.72 13.42
N PRO A 174 4.83 12.02 13.28
CA PRO A 174 3.50 12.52 13.59
C PRO A 174 2.48 11.99 12.59
N PRO A 175 1.20 11.88 13.00
CA PRO A 175 0.70 12.14 14.36
C PRO A 175 1.21 11.11 15.37
N LEU A 176 1.61 11.55 16.56
CA LEU A 176 2.36 10.69 17.47
C LEU A 176 1.58 9.45 17.87
N GLU A 177 0.27 9.61 18.17
CA GLU A 177 -0.50 8.49 18.71
C GLU A 177 -0.72 7.37 17.71
N GLN A 178 -0.45 7.59 16.43
CA GLN A 178 -0.53 6.51 15.46
C GLN A 178 0.60 5.50 15.61
N LEU A 179 1.62 5.79 16.41
CA LEU A 179 2.74 4.88 16.60
C LEU A 179 3.38 4.50 15.26
N ASN A 180 3.82 5.53 14.53
CA ASN A 180 4.54 5.37 13.27
C ASN A 180 6.03 5.35 13.56
N ILE A 181 6.57 4.14 13.74
CA ILE A 181 7.98 3.96 14.08
C ILE A 181 8.83 4.08 12.82
N VAL A 182 9.91 4.86 12.91
CA VAL A 182 10.90 5.03 11.85
C VAL A 182 12.25 4.66 12.45
N LEU A 183 12.96 3.72 11.83
CA LEU A 183 14.27 3.32 12.30
C LEU A 183 15.34 4.22 11.69
N ILE A 184 16.36 4.57 12.48
CA ILE A 184 17.45 5.43 12.01
C ILE A 184 18.81 4.91 12.46
N ASP A 185 19.85 5.47 11.83
CA ASP A 185 21.25 5.33 12.23
C ASP A 185 21.80 3.91 12.10
N PHE A 186 21.94 3.47 10.85
CA PHE A 186 22.36 2.13 10.48
C PHE A 186 23.85 2.04 10.17
N GLY A 187 24.67 2.97 10.68
CA GLY A 187 26.08 2.94 10.34
C GLY A 187 26.80 1.68 10.80
N LEU A 188 26.33 1.06 11.89
CA LEU A 188 26.94 -0.15 12.43
C LEU A 188 26.21 -1.41 11.98
N SER A 189 25.33 -1.31 10.99
CA SER A 189 24.52 -2.43 10.53
C SER A 189 25.33 -3.36 9.63
N PHE A 190 24.81 -4.58 9.46
CA PHE A 190 25.39 -5.53 8.54
C PHE A 190 24.33 -6.58 8.24
N ILE A 191 24.60 -7.39 7.22
CA ILE A 191 23.68 -8.43 6.78
C ILE A 191 24.10 -9.74 7.40
N SER A 192 23.19 -10.40 8.11
CA SER A 192 23.50 -11.72 8.64
C SER A 192 22.20 -12.49 8.85
N ALA A 193 22.22 -13.76 8.47
CA ALA A 193 21.14 -14.69 8.81
C ALA A 193 21.38 -15.42 10.12
N LEU A 194 22.50 -15.16 10.81
CA LEU A 194 22.86 -15.99 11.98
C LEU A 194 22.02 -15.61 13.18
N PRO A 195 21.30 -16.55 13.80
CA PRO A 195 20.50 -16.19 14.97
C PRO A 195 21.32 -15.56 16.06
N GLU A 196 22.59 -15.94 16.21
CA GLU A 196 23.38 -15.31 17.26
C GLU A 196 23.51 -13.82 17.03
N ASP A 197 23.69 -13.40 15.77
CA ASP A 197 23.82 -11.97 15.50
C ASP A 197 22.53 -11.23 15.81
N LYS A 198 21.38 -11.87 15.53
CA LYS A 198 20.10 -11.27 15.87
C LYS A 198 19.87 -11.25 17.38
N GLY A 199 20.30 -12.31 18.06
CA GLY A 199 20.20 -12.32 19.52
C GLY A 199 21.02 -11.22 20.16
N VAL A 200 22.23 -10.98 19.65
CA VAL A 200 23.08 -9.89 20.17
C VAL A 200 22.42 -8.55 19.91
N ASP A 201 21.83 -8.38 18.71
CA ASP A 201 21.11 -7.14 18.40
C ASP A 201 20.03 -6.87 19.44
N LEU A 202 19.26 -7.91 19.81
CA LEU A 202 18.21 -7.77 20.81
C LEU A 202 18.78 -7.57 22.21
N TYR A 203 19.88 -8.25 22.52
CA TYR A 203 20.50 -8.11 23.84
C TYR A 203 20.98 -6.67 24.04
N VAL A 204 21.57 -6.08 23.01
CA VAL A 204 22.01 -4.70 23.08
C VAL A 204 20.82 -3.77 23.31
N LEU A 205 19.73 -3.99 22.55
CA LEU A 205 18.51 -3.21 22.77
C LEU A 205 18.03 -3.38 24.20
N GLU A 206 18.03 -4.62 24.70
CA GLU A 206 17.51 -4.87 26.04
C GLU A 206 18.30 -4.08 27.09
N LYS A 207 19.64 -4.14 27.01
CA LYS A 207 20.45 -3.43 28.00
C LYS A 207 20.24 -1.93 27.90
N ALA A 208 20.17 -1.40 26.67
CA ALA A 208 19.93 0.02 26.52
C ALA A 208 18.57 0.38 27.08
N PHE A 209 17.57 -0.46 26.78
CA PHE A 209 16.21 -0.19 27.19
C PHE A 209 16.07 -0.20 28.72
N LEU A 210 16.57 -1.26 29.37
CA LEU A 210 16.41 -1.35 30.83
C LEU A 210 17.22 -0.29 31.56
N SER A 211 18.37 0.09 31.02
CA SER A 211 19.17 1.09 31.72
C SER A 211 18.64 2.49 31.53
N THR A 212 18.07 2.78 30.36
CA THR A 212 17.52 4.11 30.08
C THR A 212 16.12 4.30 30.66
N HIS A 213 15.34 3.23 30.73
CA HIS A 213 13.93 3.27 31.15
C HIS A 213 13.74 2.30 32.32
N PRO A 214 14.24 2.65 33.49
CA PRO A 214 14.10 1.72 34.61
C PRO A 214 12.64 1.44 34.92
N ASN A 215 12.39 0.23 35.39
CA ASN A 215 11.06 -0.17 35.89
C ASN A 215 10.01 -0.13 34.78
N THR A 216 10.41 -0.44 33.56
CA THR A 216 9.49 -0.61 32.43
C THR A 216 9.59 -2.03 31.85
N GLU A 217 9.82 -3.01 32.73
CA GLU A 217 10.03 -4.39 32.27
C GLU A 217 8.81 -4.96 31.54
N THR A 218 7.59 -4.56 31.95
CA THR A 218 6.43 -5.06 31.22
C THR A 218 6.42 -4.58 29.77
N VAL A 219 7.03 -3.42 29.50
CA VAL A 219 7.10 -2.95 28.13
C VAL A 219 8.02 -3.84 27.31
N PHE A 220 9.19 -4.16 27.86
CA PHE A 220 10.10 -5.01 27.09
C PHE A 220 9.52 -6.42 26.95
N GLU A 221 8.79 -6.87 27.96
CA GLU A 221 8.14 -8.18 27.83
C GLU A 221 7.17 -8.17 26.66
N ALA A 222 6.38 -7.11 26.52
CA ALA A 222 5.44 -7.01 25.41
C ALA A 222 6.16 -6.90 24.07
N PHE A 223 7.30 -6.21 24.04
CA PHE A 223 8.09 -6.18 22.82
C PHE A 223 8.52 -7.59 22.41
N LEU A 224 9.04 -8.38 23.36
CA LEU A 224 9.54 -9.71 23.02
C LEU A 224 8.42 -10.62 22.55
N LYS A 225 7.25 -10.52 23.18
CA LYS A 225 6.11 -11.33 22.76
C LYS A 225 5.73 -11.01 21.33
N SER A 226 5.73 -9.73 20.97
CA SER A 226 5.31 -9.34 19.63
C SER A 226 6.37 -9.72 18.59
N TYR A 227 7.65 -9.56 18.95
CA TYR A 227 8.73 -9.99 18.05
C TYR A 227 8.64 -11.48 17.77
N SER A 228 8.38 -12.27 18.81
CA SER A 228 8.32 -13.71 18.66
C SER A 228 7.16 -14.14 17.76
N THR A 229 6.01 -13.47 17.89
CA THR A 229 4.86 -13.75 17.05
C THR A 229 5.09 -13.30 15.61
N SER A 230 5.76 -12.16 15.44
CA SER A 230 5.87 -11.48 14.16
C SER A 230 6.97 -12.04 13.28
N SER A 231 8.07 -12.51 13.86
CA SER A 231 9.18 -13.01 13.08
C SER A 231 8.94 -14.44 12.69
N LYS A 232 9.32 -14.78 11.45
CA LYS A 232 9.19 -16.14 10.96
C LYS A 232 10.19 -17.10 11.58
N LYS A 233 11.29 -16.61 12.13
CA LYS A 233 12.35 -17.50 12.58
C LYS A 233 12.88 -17.04 13.93
N ALA A 234 11.99 -16.61 14.81
CA ALA A 234 12.42 -16.07 16.10
C ALA A 234 12.87 -17.16 17.09
N ARG A 235 12.43 -18.41 16.92
CA ARG A 235 12.75 -19.41 17.95
C ARG A 235 14.25 -19.53 18.18
N PRO A 236 15.08 -19.77 17.16
CA PRO A 236 16.52 -19.86 17.41
C PRO A 236 17.11 -18.56 17.87
N VAL A 237 16.54 -17.42 17.44
CA VAL A 237 17.05 -16.11 17.86
C VAL A 237 16.83 -15.90 19.35
N LEU A 238 15.63 -16.21 19.85
CA LEU A 238 15.36 -16.00 21.27
C LEU A 238 16.13 -16.96 22.16
N LYS A 239 16.43 -18.17 21.66
CA LYS A 239 17.34 -19.04 22.41
C LYS A 239 18.75 -18.45 22.47
N LYS A 240 19.23 -17.87 21.37
CA LYS A 240 20.53 -17.21 21.42
C LYS A 240 20.50 -16.00 22.34
N LEU A 241 19.38 -15.28 22.38
CA LEU A 241 19.30 -14.15 23.32
C LEU A 241 19.57 -14.63 24.74
N ASP A 242 18.94 -15.73 25.13
CA ASP A 242 19.21 -16.26 26.47
C ASP A 242 20.69 -16.60 26.64
N GLU A 243 21.31 -17.17 25.61
CA GLU A 243 22.72 -17.56 25.75
C GLU A 243 23.62 -16.33 25.87
N VAL A 244 23.31 -15.29 25.09
CA VAL A 244 24.12 -14.08 25.13
C VAL A 244 23.96 -13.37 26.46
N ARG A 245 22.74 -13.35 27.00
CA ARG A 245 22.51 -12.75 28.32
C ARG A 245 23.38 -13.42 29.37
N LEU A 246 23.41 -14.75 29.37
CA LEU A 246 24.14 -15.46 30.40
C LEU A 246 25.63 -15.17 30.28
N ARG A 247 26.17 -15.27 29.06
CA ARG A 247 27.59 -14.97 28.85
C ARG A 247 27.89 -13.50 29.12
N GLY A 248 26.97 -12.60 28.78
CA GLY A 248 27.22 -11.18 28.96
C GLY A 248 27.75 -10.49 27.70
N HIS B 3 4.20 27.99 -21.09
CA HIS B 3 5.59 28.32 -21.34
C HIS B 3 6.21 29.00 -20.12
N MET B 4 7.02 28.27 -19.36
CA MET B 4 7.80 28.93 -18.32
C MET B 4 8.84 28.00 -17.72
N GLN B 5 10.07 28.50 -17.65
CA GLN B 5 11.16 27.70 -17.13
C GLN B 5 11.00 27.46 -15.63
N LEU B 6 11.76 26.50 -15.15
CA LEU B 6 11.95 26.28 -13.72
C LEU B 6 13.45 26.25 -13.50
N THR B 7 13.95 27.10 -12.59
CA THR B 7 15.37 27.11 -12.26
C THR B 7 15.55 26.93 -10.77
N HIS B 8 16.56 26.15 -10.40
CA HIS B 8 16.95 25.98 -9.01
C HIS B 8 18.46 26.02 -8.89
N GLN B 9 18.94 26.70 -7.85
CA GLN B 9 20.34 26.66 -7.52
C GLN B 9 20.67 25.29 -6.90
N LEU B 10 21.88 24.80 -7.16
CA LEU B 10 22.34 23.60 -6.46
C LEU B 10 22.90 23.98 -5.10
N ASP B 11 22.38 23.36 -4.04
CA ASP B 11 22.77 23.76 -2.68
C ASP B 11 24.25 23.48 -2.39
N LEU B 12 24.77 22.34 -2.85
CA LEU B 12 26.18 22.00 -2.62
C LEU B 12 27.12 22.74 -3.57
N PHE B 13 26.60 23.22 -4.70
CA PHE B 13 27.38 23.93 -5.73
C PHE B 13 26.66 25.25 -5.99
N PRO B 14 26.75 26.19 -5.06
CA PRO B 14 25.84 27.35 -5.11
C PRO B 14 26.05 28.27 -6.29
N GLU B 15 27.18 28.20 -7.00
CA GLU B 15 27.29 29.00 -8.22
C GLU B 15 26.57 28.36 -9.41
N CYS B 16 26.07 27.14 -9.27
CA CYS B 16 25.43 26.41 -10.37
C CYS B 16 23.92 26.57 -10.29
N ARG B 17 23.31 26.86 -11.44
CA ARG B 17 21.87 26.92 -11.58
C ARG B 17 21.42 25.86 -12.57
N VAL B 18 20.38 25.08 -12.20
CA VAL B 18 19.78 24.09 -13.07
C VAL B 18 18.51 24.68 -13.67
N THR B 19 18.35 24.57 -14.99
CA THR B 19 17.16 25.06 -15.67
C THR B 19 16.42 23.89 -16.31
N LEU B 20 15.10 23.86 -16.15
CA LEU B 20 14.22 22.87 -16.75
C LEU B 20 13.27 23.56 -17.71
N LEU B 21 13.12 22.99 -18.91
CA LEU B 21 12.22 23.50 -19.94
C LEU B 21 11.38 22.33 -20.45
N LEU B 22 10.07 22.48 -20.48
CA LEU B 22 9.16 21.41 -20.87
C LEU B 22 8.40 21.79 -22.15
N PHE B 23 8.29 20.85 -23.08
CA PHE B 23 7.61 21.08 -24.36
C PHE B 23 6.65 19.94 -24.67
N LYS B 24 5.54 20.28 -25.33
CA LYS B 24 4.57 19.30 -25.81
C LYS B 24 4.37 19.50 -27.30
N ASP B 25 3.70 18.53 -27.93
CA ASP B 25 3.41 18.60 -29.36
C ASP B 25 4.68 18.83 -30.18
N VAL B 26 5.76 18.18 -29.75
CA VAL B 26 7.04 18.31 -30.44
C VAL B 26 7.02 17.51 -31.71
N LYS B 27 7.48 18.12 -32.81
CA LYS B 27 7.46 17.48 -34.11
C LYS B 27 8.82 17.01 -34.59
N ASN B 28 9.90 17.49 -33.98
CA ASN B 28 11.24 17.26 -34.48
C ASN B 28 12.13 16.61 -33.45
N ALA B 29 11.58 15.65 -32.69
CA ALA B 29 12.37 14.98 -31.66
C ALA B 29 13.56 14.24 -32.26
N GLY B 30 13.42 13.71 -33.47
CA GLY B 30 14.54 13.05 -34.10
C GLY B 30 15.72 13.98 -34.33
N ASP B 31 15.44 15.16 -34.90
CA ASP B 31 16.51 16.13 -35.13
C ASP B 31 17.11 16.62 -33.82
N LEU B 32 16.25 16.89 -32.81
CA LEU B 32 16.75 17.32 -31.51
C LEU B 32 17.67 16.27 -30.91
N ARG B 33 17.28 14.99 -31.01
CA ARG B 33 18.13 13.92 -30.53
C ARG B 33 19.48 13.91 -31.23
N ARG B 34 19.48 14.10 -32.56
CA ARG B 34 20.74 14.12 -33.30
C ARG B 34 21.62 15.28 -32.86
N LYS B 35 21.02 16.47 -32.67
CA LYS B 35 21.80 17.63 -32.25
C LYS B 35 22.42 17.43 -30.88
N ALA B 36 21.66 16.90 -29.93
CA ALA B 36 22.23 16.66 -28.61
C ALA B 36 23.36 15.65 -28.69
N MET B 37 23.20 14.63 -29.54
CA MET B 37 24.27 13.66 -29.74
C MET B 37 25.51 14.31 -30.31
N GLU B 38 25.33 15.15 -31.33
CA GLU B 38 26.45 15.90 -31.89
C GLU B 38 26.92 17.01 -30.96
N GLY B 39 26.16 17.34 -29.93
CA GLY B 39 26.53 18.38 -28.99
C GLY B 39 26.19 19.79 -29.42
N THR B 40 25.64 19.98 -30.63
CA THR B 40 25.30 21.34 -31.05
C THR B 40 24.26 21.95 -30.14
N ILE B 41 23.36 21.13 -29.59
CA ILE B 41 22.38 21.58 -28.62
C ILE B 41 22.93 21.22 -27.25
N ASP B 42 23.17 22.22 -26.42
CA ASP B 42 23.85 22.02 -25.15
C ASP B 42 22.81 21.73 -24.09
N GLY B 43 22.91 20.56 -23.47
CA GLY B 43 21.94 20.18 -22.47
C GLY B 43 21.46 18.74 -22.57
N SER B 44 20.67 18.31 -21.60
CA SER B 44 20.17 16.94 -21.49
C SER B 44 18.74 16.89 -22.01
N LEU B 45 18.46 16.02 -22.98
CA LEU B 45 17.10 15.83 -23.47
C LEU B 45 16.53 14.60 -22.80
N ILE B 46 15.49 14.79 -21.99
CA ILE B 46 14.98 13.76 -21.08
C ILE B 46 13.53 13.47 -21.39
N ASN B 47 13.14 12.21 -21.28
CA ASN B 47 11.77 11.74 -21.45
C ASN B 47 10.93 12.20 -20.27
N PRO B 48 10.04 13.18 -20.42
CA PRO B 48 9.28 13.65 -19.25
C PRO B 48 8.24 12.66 -18.77
N THR B 49 7.92 11.62 -19.54
CA THR B 49 6.88 10.70 -19.10
C THR B 49 7.30 9.86 -17.91
N VAL B 50 8.57 9.87 -17.52
CA VAL B 50 9.04 9.06 -16.41
C VAL B 50 9.61 9.93 -15.29
N ILE B 51 9.30 11.22 -15.31
CA ILE B 51 9.75 12.15 -14.26
C ILE B 51 8.55 12.50 -13.40
N VAL B 52 8.63 12.17 -12.09
CA VAL B 52 7.48 12.41 -11.21
C VAL B 52 7.57 13.74 -10.45
N ASP B 53 8.74 14.36 -10.41
CA ASP B 53 8.90 15.59 -9.65
C ASP B 53 10.21 16.22 -10.04
N PRO B 54 10.31 17.55 -10.09
CA PRO B 54 11.62 18.15 -10.37
C PRO B 54 12.70 17.70 -9.41
N PHE B 55 12.36 17.31 -8.17
CA PHE B 55 13.40 16.85 -7.25
C PHE B 55 14.20 15.69 -7.84
N GLN B 56 13.54 14.83 -8.61
CA GLN B 56 14.22 13.74 -9.30
C GLN B 56 15.32 14.27 -10.22
N ILE B 57 15.01 15.32 -10.98
CA ILE B 57 16.00 15.96 -11.85
C ILE B 57 17.11 16.60 -11.04
N LEU B 58 16.76 17.30 -9.96
CA LEU B 58 17.77 18.04 -9.20
C LEU B 58 18.72 17.09 -8.50
N VAL B 59 18.22 15.96 -8.01
CA VAL B 59 19.09 14.95 -7.41
C VAL B 59 20.07 14.39 -8.46
N ALA B 60 19.54 14.04 -9.64
CA ALA B 60 20.42 13.56 -10.71
C ALA B 60 21.46 14.60 -11.07
N ALA B 61 21.05 15.88 -11.15
CA ALA B 61 21.97 16.94 -11.52
C ALA B 61 23.02 17.16 -10.44
N ASN B 62 22.62 17.11 -9.16
CA ASN B 62 23.60 17.30 -8.11
C ASN B 62 24.69 16.26 -8.20
N LYS B 63 24.31 14.98 -8.33
CA LYS B 63 25.30 13.92 -8.39
C LYS B 63 26.17 14.04 -9.66
N ALA B 64 25.56 14.43 -10.78
CA ALA B 64 26.34 14.57 -12.00
C ALA B 64 27.41 15.66 -11.86
N VAL B 65 27.03 16.84 -11.34
CA VAL B 65 28.00 17.92 -11.18
C VAL B 65 29.10 17.49 -10.20
N HIS B 66 28.70 16.82 -9.14
CA HIS B 66 29.67 16.32 -8.17
C HIS B 66 30.74 15.45 -8.83
N LEU B 67 30.35 14.47 -9.62
CA LEU B 67 31.34 13.61 -10.27
C LEU B 67 32.01 14.31 -11.44
N TYR B 68 31.33 15.27 -12.07
CA TYR B 68 31.99 16.07 -13.09
C TYR B 68 33.18 16.83 -12.50
N LYS B 69 32.98 17.47 -11.34
CA LYS B 69 34.06 18.27 -10.76
C LYS B 69 35.16 17.40 -10.16
N LEU B 70 34.82 16.20 -9.71
CA LEU B 70 35.85 15.27 -9.23
C LEU B 70 36.56 14.57 -10.37
N GLY B 71 36.05 14.67 -11.60
CA GLY B 71 36.61 13.91 -12.71
C GLY B 71 36.36 12.42 -12.62
N LYS B 72 35.17 12.01 -12.14
CA LYS B 72 34.84 10.62 -11.87
C LYS B 72 33.46 10.24 -12.39
N MET B 73 33.04 10.89 -13.47
CA MET B 73 31.76 10.55 -14.10
C MET B 73 31.83 9.14 -14.66
N LYS B 74 30.69 8.45 -14.67
CA LYS B 74 30.68 7.16 -15.34
C LYS B 74 30.61 7.29 -16.86
N THR B 75 29.99 8.36 -17.36
CA THR B 75 29.87 8.66 -18.78
C THR B 75 30.79 9.81 -19.17
N ARG B 76 30.75 10.20 -20.46
CA ARG B 76 31.75 11.11 -20.98
C ARG B 76 31.39 12.59 -20.87
N THR B 77 30.14 12.93 -20.58
CA THR B 77 29.74 14.33 -20.56
C THR B 77 28.74 14.58 -19.46
N LEU B 78 28.70 15.81 -18.97
CA LEU B 78 27.75 16.15 -17.92
C LEU B 78 26.32 15.93 -18.40
N SER B 79 26.05 16.22 -19.67
CA SER B 79 24.69 16.06 -20.19
C SER B 79 24.23 14.60 -20.15
N THR B 80 25.10 13.67 -20.52
CA THR B 80 24.68 12.28 -20.43
C THR B 80 24.68 11.78 -18.99
N GLU B 81 25.56 12.32 -18.17
CA GLU B 81 25.64 11.86 -16.77
C GLU B 81 24.33 12.15 -16.02
N ILE B 82 23.74 13.31 -16.28
CA ILE B 82 22.46 13.65 -15.66
C ILE B 82 21.40 12.61 -16.02
N ILE B 83 21.28 12.32 -17.30
CA ILE B 83 20.30 11.33 -17.75
C ILE B 83 20.59 9.97 -17.13
N PHE B 84 21.86 9.57 -17.12
CA PHE B 84 22.19 8.27 -16.57
C PHE B 84 21.80 8.16 -15.11
N ASN B 85 22.00 9.23 -14.34
CA ASN B 85 21.71 9.17 -12.91
C ASN B 85 20.23 8.95 -12.62
N LEU B 86 19.35 9.18 -13.60
CA LEU B 86 17.92 8.96 -13.37
C LEU B 86 17.56 7.50 -13.33
N SER B 87 18.33 6.66 -13.99
CA SER B 87 17.97 5.24 -14.07
C SER B 87 18.27 4.55 -12.74
N PRO B 88 17.47 3.54 -12.37
CA PRO B 88 17.79 2.72 -11.19
C PRO B 88 18.93 1.74 -11.42
N ASN B 89 19.37 1.54 -12.66
CA ASN B 89 20.37 0.54 -13.02
C ASN B 89 21.65 1.20 -13.49
N ASN B 90 22.70 0.40 -13.56
CA ASN B 90 24.01 0.91 -13.95
C ASN B 90 24.34 0.63 -15.41
N ASN B 91 23.37 0.15 -16.20
CA ASN B 91 23.59 -0.08 -17.62
C ASN B 91 23.42 1.24 -18.37
N ILE B 92 24.51 1.76 -18.93
CA ILE B 92 24.49 3.11 -19.50
C ILE B 92 23.59 3.18 -20.73
N SER B 93 23.75 2.26 -21.68
CA SER B 93 22.99 2.39 -22.92
C SER B 93 21.49 2.24 -22.64
N GLU B 94 21.12 1.32 -21.75
CA GLU B 94 19.71 1.18 -21.39
C GLU B 94 19.19 2.45 -20.73
N ALA B 95 19.96 3.03 -19.81
CA ALA B 95 19.51 4.22 -19.14
C ALA B 95 19.29 5.34 -20.12
N LEU B 96 20.21 5.51 -21.08
CA LEU B 96 20.05 6.58 -22.05
C LEU B 96 18.87 6.33 -22.97
N LYS B 97 18.58 5.07 -23.30
CA LYS B 97 17.41 4.76 -24.13
C LYS B 97 16.12 5.06 -23.39
N LYS B 98 16.03 4.64 -22.11
CA LYS B 98 14.78 4.74 -21.36
C LYS B 98 14.51 6.16 -20.87
N PHE B 99 15.56 6.89 -20.49
CA PHE B 99 15.35 8.21 -19.91
C PHE B 99 15.69 9.35 -20.86
N GLY B 100 16.39 9.07 -21.97
CA GLY B 100 16.59 10.04 -23.03
C GLY B 100 15.39 10.09 -23.97
N ILE B 101 15.50 10.90 -25.02
CA ILE B 101 14.39 11.01 -25.96
C ILE B 101 14.65 10.15 -27.18
N SER B 102 13.57 9.73 -27.83
CA SER B 102 13.66 9.00 -29.08
C SER B 102 12.91 9.77 -30.16
N ALA B 103 13.15 9.37 -31.41
CA ALA B 103 12.68 10.16 -32.55
C ALA B 103 11.17 10.33 -32.56
N ASN B 104 10.41 9.41 -31.94
CA ASN B 104 8.96 9.49 -32.05
C ASN B 104 8.30 10.31 -30.94
N ASP B 105 9.05 10.73 -29.92
CA ASP B 105 8.46 11.38 -28.76
C ASP B 105 7.84 12.73 -29.13
N THR B 106 6.71 13.04 -28.50
CA THR B 106 6.09 14.34 -28.68
C THR B 106 6.20 15.25 -27.46
N SER B 107 6.71 14.75 -26.33
CA SER B 107 6.97 15.59 -25.18
C SER B 107 8.46 15.47 -24.84
N ILE B 108 9.07 16.60 -24.47
CA ILE B 108 10.51 16.63 -24.22
C ILE B 108 10.79 17.56 -23.04
N LEU B 109 11.73 17.14 -22.19
CA LEU B 109 12.24 17.98 -21.12
C LEU B 109 13.70 18.29 -21.41
N ILE B 110 14.06 19.57 -21.42
CA ILE B 110 15.44 19.99 -21.61
C ILE B 110 15.97 20.44 -20.25
N VAL B 111 17.12 19.91 -19.84
CA VAL B 111 17.75 20.31 -18.59
C VAL B 111 19.17 20.77 -18.90
N TYR B 112 19.54 21.95 -18.40
CA TYR B 112 20.92 22.38 -18.54
C TYR B 112 21.35 23.09 -17.27
N ILE B 113 22.67 23.23 -17.11
CA ILE B 113 23.27 23.76 -15.89
C ILE B 113 24.25 24.85 -16.29
N GLU B 114 24.19 25.98 -15.59
CA GLU B 114 25.10 27.09 -15.83
C GLU B 114 25.86 27.41 -14.54
N GLU B 115 27.13 27.79 -14.69
CA GLU B 115 27.94 28.22 -13.56
C GLU B 115 28.67 29.52 -13.91
N GLN B 119 26.98 31.64 -20.09
CA GLN B 119 25.54 31.85 -20.11
C GLN B 119 25.00 31.50 -21.50
N ILE B 120 24.01 30.62 -21.49
CA ILE B 120 23.35 30.12 -22.70
C ILE B 120 22.24 31.07 -23.14
N ASN B 121 22.14 31.28 -24.45
CA ASN B 121 21.04 32.02 -25.05
C ASN B 121 19.81 31.09 -25.07
N GLN B 122 18.91 31.29 -24.10
CA GLN B 122 17.77 30.39 -23.93
C GLN B 122 16.75 30.56 -25.05
N GLU B 123 16.59 31.78 -25.56
CA GLU B 123 15.65 31.99 -26.65
C GLU B 123 16.06 31.16 -27.87
N TYR B 124 17.34 31.14 -28.20
CA TYR B 124 17.77 30.35 -29.36
C TYR B 124 17.54 28.88 -29.11
N LEU B 125 17.87 28.40 -27.90
CA LEU B 125 17.61 27.00 -27.57
C LEU B 125 16.14 26.67 -27.77
N ILE B 126 15.25 27.53 -27.28
CA ILE B 126 13.82 27.25 -27.38
C ILE B 126 13.38 27.24 -28.84
N SER B 127 13.94 28.15 -29.64
CA SER B 127 13.55 28.25 -31.04
C SER B 127 13.87 26.97 -31.83
N GLN B 128 14.77 26.14 -31.32
CA GLN B 128 15.16 24.91 -32.00
C GLN B 128 14.11 23.81 -31.86
N VAL B 129 13.16 23.96 -30.95
CA VAL B 129 12.15 22.93 -30.69
C VAL B 129 10.90 23.25 -31.49
N GLU B 130 10.51 22.33 -32.37
CA GLU B 130 9.27 22.45 -33.12
C GLU B 130 8.16 21.89 -32.25
N GLY B 131 7.68 22.74 -31.34
CA GLY B 131 6.74 22.33 -30.32
C GLY B 131 6.35 23.52 -29.49
N HIS B 132 5.52 23.28 -28.48
CA HIS B 132 4.98 24.33 -27.64
C HIS B 132 5.50 24.18 -26.21
N GLN B 133 6.17 25.23 -25.73
CA GLN B 133 6.68 25.20 -24.37
C GLN B 133 5.51 25.32 -23.38
N VAL B 134 5.64 24.65 -22.24
CA VAL B 134 4.62 24.67 -21.21
C VAL B 134 5.27 24.84 -19.85
N SER B 135 4.46 25.26 -18.88
CA SER B 135 4.94 25.33 -17.50
C SER B 135 5.30 23.94 -17.01
N LEU B 136 6.33 23.86 -16.16
CA LEU B 136 6.59 22.59 -15.49
C LEU B 136 5.48 22.18 -14.55
N LYS B 137 4.54 23.06 -14.24
CA LYS B 137 3.37 22.58 -13.51
C LYS B 137 2.56 21.60 -14.33
N ASN B 138 2.80 21.52 -15.66
CA ASN B 138 2.13 20.54 -16.51
C ASN B 138 2.77 19.16 -16.44
N LEU B 139 3.92 19.02 -15.78
CA LEU B 139 4.62 17.74 -15.82
C LEU B 139 3.76 16.58 -15.33
N PRO B 140 2.99 16.70 -14.26
CA PRO B 140 2.22 15.54 -13.78
C PRO B 140 1.21 15.01 -14.78
N GLU B 141 0.70 15.86 -15.68
CA GLU B 141 -0.23 15.42 -16.71
C GLU B 141 0.46 14.63 -17.83
N ILE B 142 1.77 14.84 -18.00
CA ILE B 142 2.60 14.10 -18.95
C ILE B 142 3.14 12.81 -18.38
N MET B 143 3.44 12.79 -17.08
CA MET B 143 4.04 11.60 -16.48
C MET B 143 3.11 10.41 -16.65
N ASN B 144 3.69 9.24 -16.98
CA ASN B 144 2.94 8.00 -17.14
C ASN B 144 3.30 7.06 -15.98
N ILE B 145 2.44 7.02 -14.96
CA ILE B 145 2.76 6.28 -13.73
C ILE B 145 3.01 4.80 -14.02
N THR B 146 2.32 4.20 -14.99
CA THR B 146 2.53 2.77 -15.22
C THR B 146 3.93 2.54 -15.80
N GLU B 147 4.41 3.45 -16.64
CA GLU B 147 5.77 3.33 -17.14
C GLU B 147 6.78 3.59 -16.03
N VAL B 148 6.48 4.54 -15.13
CA VAL B 148 7.39 4.82 -14.02
C VAL B 148 7.51 3.60 -13.10
N LYS B 149 6.39 2.96 -12.78
CA LYS B 149 6.48 1.79 -11.91
C LYS B 149 7.23 0.65 -12.58
N LYS B 150 7.08 0.50 -13.91
CA LYS B 150 7.79 -0.58 -14.62
C LYS B 150 9.30 -0.36 -14.63
N ILE B 151 9.75 0.85 -14.99
CA ILE B 151 11.19 1.10 -15.09
C ILE B 151 11.86 0.99 -13.73
N TYR B 152 11.23 1.54 -12.70
CA TYR B 152 11.86 1.55 -11.38
C TYR B 152 11.53 0.28 -10.58
N LYS B 153 10.70 -0.59 -11.12
CA LYS B 153 10.32 -1.84 -10.44
C LYS B 153 9.82 -1.53 -9.02
N LEU B 154 8.97 -0.52 -8.93
CA LEU B 154 8.41 -0.10 -7.66
C LEU B 154 7.33 -1.08 -7.22
N SER B 155 7.28 -1.35 -5.92
CA SER B 155 6.33 -2.32 -5.38
C SER B 155 5.30 -1.62 -4.51
N SER B 156 4.18 -2.32 -4.28
CA SER B 156 3.20 -1.83 -3.32
C SER B 156 3.82 -1.68 -1.93
N GLN B 157 4.74 -2.56 -1.57
CA GLN B 157 5.42 -2.49 -0.29
C GLN B 157 6.07 -1.12 -0.09
N GLU B 158 6.82 -0.66 -1.10
CA GLU B 158 7.45 0.65 -1.00
C GLU B 158 6.41 1.76 -0.90
N GLU B 159 5.33 1.65 -1.68
CA GLU B 159 4.30 2.69 -1.65
C GLU B 159 3.58 2.75 -0.32
N SER B 160 3.61 1.67 0.47
CA SER B 160 2.92 1.65 1.76
C SER B 160 3.63 2.47 2.82
N ILE B 161 4.92 2.76 2.66
CA ILE B 161 5.69 3.51 3.65
C ILE B 161 6.17 4.84 3.11
N GLY B 162 5.76 5.21 1.90
CA GLY B 162 6.25 6.46 1.35
C GLY B 162 5.70 6.70 -0.03
N THR B 163 6.20 7.74 -0.66
CA THR B 163 5.72 8.13 -1.98
C THR B 163 6.49 7.37 -3.06
N LEU B 164 5.95 7.41 -4.28
CA LEU B 164 6.69 6.86 -5.41
C LEU B 164 8.01 7.62 -5.57
N LEU B 165 7.99 8.95 -5.44
CA LEU B 165 9.21 9.73 -5.56
C LEU B 165 10.26 9.24 -4.58
N ASP B 166 9.85 9.00 -3.33
CA ASP B 166 10.77 8.53 -2.28
C ASP B 166 11.47 7.24 -2.71
N ALA B 167 10.70 6.29 -3.24
CA ALA B 167 11.29 5.03 -3.64
C ALA B 167 12.23 5.20 -4.83
N ILE B 168 11.86 6.07 -5.78
CA ILE B 168 12.71 6.37 -6.93
C ILE B 168 14.03 6.97 -6.46
N ILE B 169 13.96 7.98 -5.58
CA ILE B 169 15.18 8.66 -5.16
C ILE B 169 16.09 7.70 -4.42
N CYS B 170 15.50 6.88 -3.55
CA CYS B 170 16.34 5.96 -2.79
C CYS B 170 17.09 5.03 -3.72
N ARG B 171 16.47 4.65 -4.83
CA ARG B 171 17.14 3.79 -5.81
C ARG B 171 18.22 4.56 -6.56
N MET B 172 17.88 5.75 -7.06
CA MET B 172 18.88 6.55 -7.75
C MET B 172 20.12 6.76 -6.89
N SER B 173 19.92 7.08 -5.64
CA SER B 173 21.03 7.59 -4.84
C SER B 173 21.98 6.51 -4.35
N THR B 174 21.57 5.24 -4.40
CA THR B 174 22.41 4.18 -3.84
C THR B 174 22.87 3.18 -4.88
N LYS B 175 22.52 3.34 -6.15
CA LYS B 175 22.88 2.33 -7.14
C LYS B 175 24.38 2.24 -7.35
N ASP B 176 25.13 3.27 -6.96
CA ASP B 176 26.59 3.27 -7.12
C ASP B 176 27.31 2.55 -6.00
N VAL B 177 26.59 2.08 -4.98
CA VAL B 177 27.25 1.27 -3.96
C VAL B 177 26.51 -0.06 -3.83
N LEU B 178 25.92 -0.51 -4.94
CA LEU B 178 25.28 -1.82 -5.01
C LEU B 178 24.07 -1.89 -4.09
N GLU C 20 -37.52 -28.16 3.11
CA GLU C 20 -36.65 -27.43 2.21
C GLU C 20 -37.40 -26.31 1.49
N ALA C 21 -38.50 -26.65 0.85
CA ALA C 21 -39.28 -25.66 0.12
C ALA C 21 -39.80 -24.57 1.05
N GLU C 22 -40.34 -24.95 2.21
CA GLU C 22 -40.81 -23.94 3.15
C GLU C 22 -39.69 -23.02 3.59
N ALA C 23 -38.52 -23.58 3.91
CA ALA C 23 -37.40 -22.75 4.35
C ALA C 23 -36.95 -21.79 3.27
N LEU C 24 -36.95 -22.25 2.02
CA LEU C 24 -36.59 -21.37 0.91
C LEU C 24 -37.58 -20.22 0.80
N ALA C 25 -38.87 -20.52 0.86
CA ALA C 25 -39.87 -19.44 0.85
C ALA C 25 -39.65 -18.49 2.02
N ALA C 26 -39.33 -19.03 3.20
CA ALA C 26 -39.09 -18.16 4.36
C ALA C 26 -37.93 -17.20 4.10
N ALA C 27 -36.84 -17.70 3.51
CA ALA C 27 -35.70 -16.83 3.25
C ALA C 27 -36.06 -15.73 2.26
N ARG C 28 -36.81 -16.06 1.21
CA ARG C 28 -37.18 -15.05 0.23
C ARG C 28 -38.10 -14.00 0.84
N GLU C 29 -39.01 -14.42 1.72
CA GLU C 29 -39.84 -13.45 2.43
C GLU C 29 -38.97 -12.54 3.30
N ARG C 30 -37.97 -13.10 3.97
CA ARG C 30 -37.08 -12.28 4.79
C ARG C 30 -36.38 -11.24 3.93
N SER C 31 -35.93 -11.62 2.73
CA SER C 31 -35.25 -10.68 1.86
C SER C 31 -36.19 -9.55 1.44
N SER C 32 -37.41 -9.89 1.02
CA SER C 32 -38.36 -8.85 0.64
C SER C 32 -38.63 -7.90 1.80
N ARG C 33 -38.77 -8.43 3.02
CA ARG C 33 -39.02 -7.57 4.17
C ARG C 33 -37.85 -6.60 4.39
N PHE C 34 -36.62 -7.11 4.31
CA PHE C 34 -35.46 -6.24 4.50
C PHE C 34 -35.43 -5.16 3.43
N LEU C 35 -35.69 -5.53 2.18
CA LEU C 35 -35.59 -4.57 1.08
C LEU C 35 -36.71 -3.54 1.13
N SER C 36 -37.86 -3.90 1.73
CA SER C 36 -39.04 -3.04 1.66
C SER C 36 -38.78 -1.69 2.34
N GLY C 37 -37.95 -1.67 3.38
CA GLY C 37 -37.63 -0.42 4.03
C GLY C 37 -36.39 0.28 3.49
N LEU C 38 -36.07 0.08 2.21
CA LEU C 38 -34.85 0.62 1.63
C LEU C 38 -35.15 1.52 0.45
N GLU C 39 -34.31 2.54 0.30
CA GLU C 39 -34.42 3.44 -0.85
C GLU C 39 -33.95 2.74 -2.11
N LEU C 40 -34.78 2.78 -3.15
CA LEU C 40 -34.37 2.28 -4.46
C LEU C 40 -33.58 3.38 -5.16
N VAL C 41 -32.28 3.16 -5.38
CA VAL C 41 -31.44 4.19 -5.97
C VAL C 41 -31.18 4.01 -7.46
N LYS C 42 -31.38 2.81 -8.00
CA LYS C 42 -31.13 2.60 -9.42
C LYS C 42 -31.89 1.37 -9.89
N GLN C 43 -32.35 1.40 -11.14
CA GLN C 43 -32.94 0.21 -11.71
C GLN C 43 -32.53 0.08 -13.16
N GLY C 44 -32.01 -1.10 -13.50
CA GLY C 44 -31.65 -1.42 -14.86
C GLY C 44 -32.61 -2.44 -15.46
N ALA C 45 -32.20 -3.02 -16.59
CA ALA C 45 -33.02 -4.03 -17.24
C ALA C 45 -33.19 -5.26 -16.37
N GLU C 46 -32.17 -5.62 -15.58
CA GLU C 46 -32.18 -6.88 -14.84
C GLU C 46 -32.02 -6.70 -13.33
N ALA C 47 -31.63 -5.53 -12.85
CA ALA C 47 -31.31 -5.43 -11.43
C ALA C 47 -31.85 -4.14 -10.85
N ARG C 48 -32.29 -4.20 -9.59
CA ARG C 48 -32.63 -3.04 -8.80
C ARG C 48 -31.58 -2.88 -7.71
N VAL C 49 -31.17 -1.66 -7.44
CA VAL C 49 -30.14 -1.39 -6.44
C VAL C 49 -30.78 -0.58 -5.32
N PHE C 50 -30.72 -1.11 -4.10
CA PHE C 50 -31.24 -0.46 -2.90
C PHE C 50 -30.09 -0.02 -2.02
N ARG C 51 -30.27 1.10 -1.33
CA ARG C 51 -29.28 1.64 -0.41
C ARG C 51 -29.74 1.43 1.02
N GLY C 52 -28.80 1.05 1.88
CA GLY C 52 -29.14 0.80 3.25
C GLY C 52 -27.89 0.56 4.07
N ARG C 53 -28.09 -0.09 5.21
CA ARG C 53 -26.99 -0.47 6.10
C ARG C 53 -27.01 -1.98 6.27
N PHE C 54 -25.82 -2.59 6.28
CA PHE C 54 -25.66 -4.00 6.55
C PHE C 54 -24.72 -4.16 7.73
N GLN C 55 -25.25 -4.61 8.87
CA GLN C 55 -24.49 -4.76 10.11
C GLN C 55 -23.65 -3.52 10.38
N GLY C 56 -24.28 -2.36 10.21
CA GLY C 56 -23.68 -1.08 10.53
C GLY C 56 -22.97 -0.37 9.41
N ARG C 57 -22.62 -1.08 8.31
CA ARG C 57 -21.84 -0.48 7.24
C ARG C 57 -22.77 0.02 6.14
N ALA C 58 -22.44 1.19 5.58
CA ALA C 58 -23.17 1.67 4.41
C ALA C 58 -23.08 0.64 3.29
N ALA C 59 -24.23 0.25 2.76
CA ALA C 59 -24.28 -0.83 1.80
C ALA C 59 -25.29 -0.50 0.71
N VAL C 60 -25.11 -1.15 -0.43
CA VAL C 60 -26.18 -1.26 -1.41
C VAL C 60 -26.48 -2.75 -1.56
N ILE C 61 -27.74 -3.05 -1.86
CA ILE C 61 -28.19 -4.41 -2.04
C ILE C 61 -28.79 -4.47 -3.43
N LYS C 62 -28.24 -5.33 -4.27
CA LYS C 62 -28.66 -5.43 -5.66
C LYS C 62 -29.47 -6.70 -5.83
N HIS C 63 -30.74 -6.54 -6.21
CA HIS C 63 -31.63 -7.67 -6.43
C HIS C 63 -31.82 -7.86 -7.92
N ARG C 64 -31.42 -9.01 -8.42
CA ARG C 64 -31.71 -9.39 -9.80
C ARG C 64 -33.15 -9.89 -9.77
N PHE C 65 -34.07 -9.11 -10.35
CA PHE C 65 -35.50 -9.36 -10.18
C PHE C 65 -36.09 -10.00 -11.43
N PRO C 66 -36.99 -10.94 -11.25
CA PRO C 66 -37.55 -11.68 -12.38
C PRO C 66 -38.61 -10.87 -13.13
N LYS C 67 -38.75 -11.16 -14.41
CA LYS C 67 -39.83 -10.68 -15.24
C LYS C 67 -40.85 -11.79 -15.43
N GLY C 68 -42.13 -11.48 -15.18
CA GLY C 68 -43.16 -12.49 -15.25
C GLY C 68 -43.32 -13.14 -16.61
N TYR C 69 -42.90 -12.47 -17.68
CA TYR C 69 -43.17 -13.00 -19.00
C TYR C 69 -42.09 -13.95 -19.50
N ARG C 70 -40.99 -14.10 -18.78
CA ARG C 70 -39.98 -15.09 -19.13
C ARG C 70 -40.23 -16.38 -18.37
N HIS C 71 -39.61 -17.46 -18.83
CA HIS C 71 -39.80 -18.76 -18.19
C HIS C 71 -39.24 -18.71 -16.78
N PRO C 72 -40.00 -19.14 -15.76
CA PRO C 72 -39.49 -19.04 -14.38
C PRO C 72 -38.18 -19.76 -14.16
N ALA C 73 -37.98 -20.92 -14.80
CA ALA C 73 -36.72 -21.65 -14.62
C ALA C 73 -35.55 -20.89 -15.22
N LEU C 74 -35.74 -20.33 -16.41
CA LEU C 74 -34.64 -19.58 -17.00
C LEU C 74 -34.37 -18.31 -16.21
N GLU C 75 -35.39 -17.71 -15.59
CA GLU C 75 -35.16 -16.51 -14.79
C GLU C 75 -34.34 -16.83 -13.55
N ALA C 76 -34.65 -17.94 -12.87
CA ALA C 76 -33.84 -18.34 -11.72
C ALA C 76 -32.40 -18.55 -12.13
N ARG C 77 -32.18 -19.25 -13.25
CA ARG C 77 -30.82 -19.48 -13.75
C ARG C 77 -30.13 -18.17 -14.07
N LEU C 78 -30.82 -17.27 -14.77
CA LEU C 78 -30.20 -16.00 -15.17
C LEU C 78 -29.83 -15.16 -13.95
N GLY C 79 -30.80 -14.93 -13.06
CA GLY C 79 -30.50 -14.14 -11.87
C GLY C 79 -29.34 -14.70 -11.07
N ARG C 80 -29.30 -16.02 -10.93
CA ARG C 80 -28.18 -16.65 -10.23
C ARG C 80 -26.87 -16.46 -10.97
N ARG C 81 -26.87 -16.66 -12.28
CA ARG C 81 -25.61 -16.58 -13.02
C ARG C 81 -25.00 -15.18 -12.92
N ARG C 82 -25.83 -14.14 -13.07
CA ARG C 82 -25.30 -12.78 -12.99
C ARG C 82 -24.87 -12.42 -11.58
N THR C 83 -25.54 -12.96 -10.56
CA THR C 83 -25.12 -12.72 -9.18
C THR C 83 -23.76 -13.37 -8.92
N VAL C 84 -23.61 -14.63 -9.31
CA VAL C 84 -22.34 -15.34 -9.15
C VAL C 84 -21.23 -14.63 -9.90
N GLN C 85 -21.49 -14.22 -11.15
CA GLN C 85 -20.41 -13.64 -11.94
C GLN C 85 -19.97 -12.31 -11.33
N GLU C 86 -20.92 -11.47 -10.87
CA GLU C 86 -20.53 -10.21 -10.25
C GLU C 86 -19.72 -10.44 -8.98
N ALA C 87 -20.14 -11.42 -8.15
CA ALA C 87 -19.38 -11.67 -6.92
C ALA C 87 -17.96 -12.11 -7.25
N ARG C 88 -17.82 -13.00 -8.24
CA ARG C 88 -16.49 -13.43 -8.68
C ARG C 88 -15.68 -12.26 -9.21
N ALA C 89 -16.30 -11.41 -10.04
CA ALA C 89 -15.58 -10.28 -10.62
C ALA C 89 -15.08 -9.34 -9.52
N LEU C 90 -15.92 -9.08 -8.51
CA LEU C 90 -15.52 -8.14 -7.47
C LEU C 90 -14.40 -8.70 -6.61
N LEU C 91 -14.42 -10.02 -6.36
CA LEU C 91 -13.27 -10.63 -5.70
C LEU C 91 -12.01 -10.48 -6.55
N ARG C 92 -12.12 -10.79 -7.85
CA ARG C 92 -10.97 -10.67 -8.74
C ARG C 92 -10.44 -9.23 -8.74
N CYS C 93 -11.34 -8.25 -8.78
CA CYS C 93 -10.91 -6.86 -8.74
C CYS C 93 -10.10 -6.57 -7.49
N ARG C 94 -10.66 -6.91 -6.32
CA ARG C 94 -9.99 -6.55 -5.07
C ARG C 94 -8.60 -7.17 -5.00
N ARG C 95 -8.48 -8.45 -5.33
CA ARG C 95 -7.19 -9.11 -5.22
C ARG C 95 -6.16 -8.52 -6.19
N ALA C 96 -6.62 -7.96 -7.30
CA ALA C 96 -5.74 -7.34 -8.29
C ALA C 96 -5.50 -5.86 -8.04
N GLY C 97 -6.05 -5.31 -6.95
CA GLY C 97 -5.88 -3.89 -6.71
C GLY C 97 -6.66 -3.01 -7.67
N ILE C 98 -7.76 -3.51 -8.23
CA ILE C 98 -8.68 -2.69 -9.02
C ILE C 98 -9.80 -2.26 -8.10
N SER C 99 -9.96 -0.94 -7.95
CA SER C 99 -10.95 -0.41 -7.05
C SER C 99 -12.35 -0.71 -7.56
N ALA C 100 -13.12 -1.39 -6.73
CA ALA C 100 -14.51 -1.77 -6.98
C ALA C 100 -15.12 -2.09 -5.62
N PRO C 101 -16.44 -2.17 -5.52
CA PRO C 101 -17.06 -2.38 -4.19
C PRO C 101 -16.66 -3.72 -3.58
N VAL C 102 -16.48 -3.70 -2.27
CA VAL C 102 -16.32 -4.92 -1.48
C VAL C 102 -17.63 -5.67 -1.43
N VAL C 103 -17.57 -7.02 -1.57
CA VAL C 103 -18.74 -7.86 -1.35
C VAL C 103 -18.86 -8.20 0.13
N PHE C 104 -20.05 -7.96 0.71
CA PHE C 104 -20.34 -8.30 2.10
C PHE C 104 -21.03 -9.64 2.26
N PHE C 105 -22.01 -9.93 1.41
CA PHE C 105 -22.86 -11.11 1.59
C PHE C 105 -23.60 -11.32 0.28
N VAL C 106 -23.69 -12.57 -0.14
CA VAL C 106 -24.46 -12.91 -1.33
C VAL C 106 -25.53 -13.91 -0.93
N ASP C 107 -26.79 -13.53 -1.12
CA ASP C 107 -27.94 -14.36 -0.77
C ASP C 107 -28.39 -15.03 -2.07
N TYR C 108 -28.06 -16.31 -2.22
CA TYR C 108 -28.43 -17.05 -3.44
C TYR C 108 -29.84 -17.61 -3.38
N ALA C 109 -30.50 -17.56 -2.22
CA ALA C 109 -31.93 -17.87 -2.18
C ALA C 109 -32.75 -16.79 -2.89
N SER C 110 -32.31 -15.54 -2.80
CA SER C 110 -33.06 -14.40 -3.32
C SER C 110 -32.35 -13.65 -4.45
N ASN C 111 -31.13 -14.05 -4.83
CA ASN C 111 -30.34 -13.34 -5.84
C ASN C 111 -30.15 -11.87 -5.46
N CYS C 112 -29.73 -11.65 -4.21
CA CYS C 112 -29.41 -10.33 -3.70
C CYS C 112 -27.94 -10.31 -3.32
N LEU C 113 -27.23 -9.30 -3.82
CA LEU C 113 -25.81 -9.13 -3.54
C LEU C 113 -25.64 -7.89 -2.69
N TYR C 114 -25.06 -8.05 -1.50
CA TYR C 114 -24.88 -6.98 -0.54
C TYR C 114 -23.43 -6.51 -0.65
N MET C 115 -23.22 -5.23 -0.95
CA MET C 115 -21.89 -4.71 -1.23
C MET C 115 -21.74 -3.35 -0.58
N GLU C 116 -20.49 -2.92 -0.47
CA GLU C 116 -20.15 -1.59 0.02
C GLU C 116 -20.80 -0.50 -0.84
N GLU C 117 -21.41 0.49 -0.19
CA GLU C 117 -21.84 1.68 -0.91
C GLU C 117 -20.62 2.57 -1.14
N ILE C 118 -20.48 3.09 -2.37
CA ILE C 118 -19.42 4.05 -2.69
C ILE C 118 -19.95 5.42 -2.31
N GLU C 119 -19.76 5.80 -1.05
CA GLU C 119 -20.46 6.95 -0.49
C GLU C 119 -20.00 8.26 -1.09
N GLY C 120 -20.96 9.16 -1.34
CA GLY C 120 -20.67 10.50 -1.78
C GLY C 120 -20.13 10.59 -3.19
N SER C 121 -20.24 9.52 -3.96
CA SER C 121 -19.61 9.45 -5.28
C SER C 121 -20.56 10.00 -6.36
N VAL C 122 -19.98 10.29 -7.51
CA VAL C 122 -20.75 10.70 -8.68
C VAL C 122 -20.30 9.87 -9.87
N THR C 123 -21.24 9.60 -10.79
CA THR C 123 -20.88 8.85 -11.99
C THR C 123 -19.96 9.69 -12.87
N VAL C 124 -19.09 9.03 -13.63
CA VAL C 124 -18.30 9.73 -14.62
C VAL C 124 -19.23 10.49 -15.57
N ARG C 125 -20.37 9.88 -15.89
CA ARG C 125 -21.36 10.52 -16.76
C ARG C 125 -21.78 11.88 -16.20
N ASP C 126 -22.20 11.93 -14.95
CA ASP C 126 -22.63 13.20 -14.39
C ASP C 126 -21.47 14.18 -14.30
N TYR C 127 -20.26 13.69 -14.01
CA TYR C 127 -19.12 14.59 -13.89
C TYR C 127 -18.77 15.22 -15.23
N ILE C 128 -18.77 14.43 -16.30
CA ILE C 128 -18.49 15.00 -17.62
C ILE C 128 -19.58 15.99 -18.03
N GLN C 129 -20.84 15.62 -17.82
CA GLN C 129 -21.92 16.51 -18.22
C GLN C 129 -21.83 17.83 -17.47
N SER C 130 -21.59 17.78 -16.17
CA SER C 130 -21.45 19.01 -15.38
C SER C 130 -20.24 19.81 -15.84
N THR C 131 -19.13 19.13 -16.13
CA THR C 131 -17.92 19.82 -16.56
C THR C 131 -18.11 20.48 -17.92
N MET C 132 -18.74 19.76 -18.85
CA MET C 132 -18.98 20.30 -20.19
C MET C 132 -19.69 21.64 -20.11
N GLN C 139 -10.61 20.62 -22.72
CA GLN C 139 -9.35 19.95 -22.42
C GLN C 139 -9.22 19.62 -20.94
N GLY C 140 -10.23 20.01 -20.16
CA GLY C 140 -10.20 19.77 -18.72
C GLY C 140 -10.40 18.33 -18.31
N LEU C 141 -10.97 17.50 -19.20
CA LEU C 141 -11.31 16.11 -18.88
C LEU C 141 -10.25 15.12 -19.38
N SER C 142 -9.13 15.64 -19.89
CA SER C 142 -8.08 14.75 -20.38
C SER C 142 -7.49 13.92 -19.25
N ASN C 143 -7.28 14.53 -18.08
CA ASN C 143 -6.73 13.78 -16.93
C ASN C 143 -7.67 12.67 -16.50
N LEU C 144 -8.98 12.94 -16.47
CA LEU C 144 -9.96 11.90 -16.17
C LEU C 144 -9.84 10.74 -17.17
N ALA C 145 -9.85 11.06 -18.46
CA ALA C 145 -9.72 10.03 -19.48
C ALA C 145 -8.46 9.19 -19.25
N LYS C 146 -7.34 9.84 -18.91
CA LYS C 146 -6.10 9.10 -18.72
C LYS C 146 -6.24 8.13 -17.54
N THR C 147 -6.86 8.59 -16.45
CA THR C 147 -7.07 7.70 -15.31
C THR C 147 -7.93 6.51 -15.72
N ILE C 148 -9.00 6.76 -16.47
CA ILE C 148 -9.86 5.65 -16.89
C ILE C 148 -9.09 4.67 -17.75
N GLY C 149 -8.20 5.17 -18.61
CA GLY C 149 -7.40 4.27 -19.44
C GLY C 149 -6.51 3.37 -18.62
N GLN C 150 -5.89 3.92 -17.57
CA GLN C 150 -5.07 3.11 -16.67
C GLN C 150 -5.90 2.05 -15.96
N VAL C 151 -7.10 2.42 -15.50
CA VAL C 151 -7.94 1.50 -14.74
C VAL C 151 -8.39 0.34 -15.63
N LEU C 152 -8.90 0.66 -16.80
CA LEU C 152 -9.40 -0.39 -17.68
C LEU C 152 -8.26 -1.22 -18.26
N ALA C 153 -7.07 -0.64 -18.44
CA ALA C 153 -5.92 -1.47 -18.81
C ALA C 153 -5.64 -2.52 -17.73
N ARG C 154 -5.68 -2.11 -16.46
CA ARG C 154 -5.41 -3.08 -15.40
C ARG C 154 -6.48 -4.17 -15.37
N MET C 155 -7.74 -3.78 -15.59
CA MET C 155 -8.83 -4.75 -15.61
C MET C 155 -8.66 -5.77 -16.74
N HIS C 156 -8.39 -5.29 -17.96
CA HIS C 156 -8.21 -6.21 -19.06
C HIS C 156 -6.95 -7.06 -18.90
N ASP C 157 -5.88 -6.50 -18.34
CA ASP C 157 -4.68 -7.29 -18.12
C ASP C 157 -4.91 -8.38 -17.09
N GLU C 158 -5.95 -8.26 -16.27
CA GLU C 158 -6.40 -9.35 -15.42
C GLU C 158 -7.38 -10.27 -16.15
N ASP C 159 -7.52 -10.10 -17.46
CA ASP C 159 -8.42 -10.89 -18.28
C ASP C 159 -9.88 -10.78 -17.83
N LEU C 160 -10.25 -9.65 -17.21
CA LEU C 160 -11.63 -9.42 -16.78
C LEU C 160 -12.31 -8.55 -17.82
N ILE C 161 -13.37 -9.06 -18.44
CA ILE C 161 -14.18 -8.31 -19.40
C ILE C 161 -15.41 -7.81 -18.67
N HIS C 162 -15.61 -6.49 -18.66
CA HIS C 162 -16.70 -5.94 -17.86
C HIS C 162 -18.06 -6.31 -18.43
N GLY C 163 -18.21 -6.20 -19.75
CA GLY C 163 -19.40 -6.63 -20.45
C GLY C 163 -20.44 -5.55 -20.67
N ASP C 164 -20.36 -4.44 -19.94
CA ASP C 164 -21.41 -3.41 -20.00
C ASP C 164 -20.82 -2.04 -19.71
N LEU C 165 -19.68 -1.70 -20.30
CA LEU C 165 -19.02 -0.44 -19.92
C LEU C 165 -19.81 0.77 -20.41
N THR C 166 -20.05 1.70 -19.49
CA THR C 166 -20.66 2.98 -19.78
C THR C 166 -20.04 3.97 -18.80
N THR C 167 -20.28 5.26 -19.02
CA THR C 167 -19.81 6.22 -18.04
C THR C 167 -20.68 6.27 -16.79
N SER C 168 -21.79 5.53 -16.75
CA SER C 168 -22.59 5.40 -15.54
C SER C 168 -22.13 4.25 -14.66
N ASN C 169 -21.30 3.35 -15.17
CA ASN C 169 -20.77 2.23 -14.39
C ASN C 169 -19.36 2.50 -13.90
N MET C 170 -18.94 3.77 -13.92
CA MET C 170 -17.68 4.18 -13.33
C MET C 170 -18.00 5.34 -12.43
N LEU C 171 -17.55 5.27 -11.18
CA LEU C 171 -17.84 6.26 -10.16
C LEU C 171 -16.56 6.99 -9.80
N LEU C 172 -16.73 8.25 -9.40
CA LEU C 172 -15.65 9.07 -8.88
C LEU C 172 -15.88 9.24 -7.38
N LYS C 173 -14.97 8.71 -6.57
CA LYS C 173 -15.29 8.82 -5.15
C LYS C 173 -14.50 9.94 -4.49
N PRO C 174 -15.04 10.48 -3.39
CA PRO C 174 -14.42 11.66 -2.79
C PRO C 174 -13.02 11.34 -2.31
N PRO C 175 -12.10 12.32 -2.39
CA PRO C 175 -12.39 13.66 -2.94
C PRO C 175 -12.39 13.67 -4.46
N LEU C 176 -13.36 14.35 -5.08
CA LEU C 176 -13.58 14.19 -6.52
C LEU C 176 -12.37 14.63 -7.32
N GLU C 177 -11.74 15.76 -6.93
CA GLU C 177 -10.62 16.28 -7.68
C GLU C 177 -9.53 15.23 -7.89
N GLN C 178 -9.36 14.31 -6.94
CA GLN C 178 -8.33 13.29 -7.06
C GLN C 178 -8.60 12.26 -8.15
N LEU C 179 -9.78 12.25 -8.76
CA LEU C 179 -10.10 11.30 -9.81
C LEU C 179 -9.85 9.86 -9.34
N ASN C 180 -10.60 9.47 -8.32
CA ASN C 180 -10.56 8.12 -7.76
C ASN C 180 -11.68 7.32 -8.42
N ILE C 181 -11.33 6.55 -9.46
CA ILE C 181 -12.32 5.79 -10.23
C ILE C 181 -12.61 4.47 -9.51
N VAL C 182 -13.90 4.16 -9.36
CA VAL C 182 -14.38 2.88 -8.85
C VAL C 182 -15.28 2.26 -9.91
N LEU C 183 -15.01 1.01 -10.27
CA LEU C 183 -15.82 0.31 -11.26
C LEU C 183 -16.97 -0.41 -10.57
N ILE C 184 -18.15 -0.42 -11.20
CA ILE C 184 -19.30 -1.09 -10.61
C ILE C 184 -20.03 -1.92 -11.66
N ASP C 185 -20.93 -2.78 -11.17
CA ASP C 185 -21.95 -3.48 -11.95
C ASP C 185 -21.38 -4.47 -12.95
N PHE C 186 -20.84 -5.57 -12.41
CA PHE C 186 -20.17 -6.61 -13.15
C PHE C 186 -21.04 -7.82 -13.46
N GLY C 187 -22.37 -7.67 -13.50
CA GLY C 187 -23.23 -8.82 -13.72
C GLY C 187 -23.08 -9.46 -15.10
N LEU C 188 -22.63 -8.69 -16.08
CA LEU C 188 -22.44 -9.20 -17.44
C LEU C 188 -20.98 -9.51 -17.73
N SER C 189 -20.15 -9.53 -16.70
CA SER C 189 -18.72 -9.71 -16.91
C SER C 189 -18.38 -11.18 -17.12
N PHE C 190 -17.16 -11.42 -17.58
CA PHE C 190 -16.65 -12.78 -17.73
C PHE C 190 -15.14 -12.69 -17.91
N ILE C 191 -14.48 -13.83 -17.79
CA ILE C 191 -13.02 -13.92 -17.89
C ILE C 191 -12.65 -14.34 -19.30
N SER C 192 -11.75 -13.59 -19.92
CA SER C 192 -11.26 -14.01 -21.24
C SER C 192 -9.94 -13.32 -21.55
N ALA C 193 -8.98 -14.08 -22.09
CA ALA C 193 -7.74 -13.53 -22.58
C ALA C 193 -7.80 -13.16 -24.06
N LEU C 194 -8.93 -13.33 -24.70
CA LEU C 194 -9.03 -13.12 -26.16
C LEU C 194 -9.02 -11.64 -26.49
N PRO C 195 -8.10 -11.15 -27.33
CA PRO C 195 -8.13 -9.72 -27.68
C PRO C 195 -9.44 -9.28 -28.30
N GLU C 196 -10.13 -10.16 -29.02
CA GLU C 196 -11.43 -9.76 -29.57
C GLU C 196 -12.43 -9.42 -28.47
N ASP C 197 -12.44 -10.20 -27.38
CA ASP C 197 -13.37 -9.90 -26.29
C ASP C 197 -13.02 -8.55 -25.64
N LYS C 198 -11.73 -8.27 -25.49
CA LYS C 198 -11.33 -6.96 -24.98
C LYS C 198 -11.66 -5.85 -25.96
N GLY C 199 -11.47 -6.09 -27.25
CA GLY C 199 -11.84 -5.09 -28.25
C GLY C 199 -13.32 -4.78 -28.24
N VAL C 200 -14.16 -5.81 -28.08
CA VAL C 200 -15.60 -5.57 -28.03
C VAL C 200 -15.95 -4.79 -26.76
N ASP C 201 -15.28 -5.08 -25.65
CA ASP C 201 -15.53 -4.34 -24.42
C ASP C 201 -15.27 -2.84 -24.64
N LEU C 202 -14.19 -2.51 -25.35
CA LEU C 202 -13.86 -1.10 -25.62
C LEU C 202 -14.81 -0.50 -26.65
N TYR C 203 -15.19 -1.28 -27.67
CA TYR C 203 -16.16 -0.78 -28.65
C TYR C 203 -17.47 -0.40 -28.00
N VAL C 204 -17.93 -1.23 -27.06
CA VAL C 204 -19.17 -0.95 -26.34
C VAL C 204 -19.04 0.33 -25.54
N LEU C 205 -17.91 0.50 -24.85
CA LEU C 205 -17.69 1.75 -24.11
C LEU C 205 -17.65 2.94 -25.05
N GLU C 206 -16.99 2.78 -26.21
CA GLU C 206 -16.89 3.89 -27.14
C GLU C 206 -18.27 4.32 -27.65
N LYS C 207 -19.11 3.35 -28.02
CA LYS C 207 -20.46 3.68 -28.48
C LYS C 207 -21.25 4.40 -27.39
N ALA C 208 -21.15 3.91 -26.16
CA ALA C 208 -21.89 4.56 -25.07
C ALA C 208 -21.34 5.96 -24.82
N PHE C 209 -20.01 6.09 -24.78
CA PHE C 209 -19.41 7.39 -24.52
C PHE C 209 -19.79 8.41 -25.60
N LEU C 210 -19.61 8.07 -26.88
CA LEU C 210 -19.88 9.07 -27.92
C LEU C 210 -21.36 9.44 -27.97
N SER C 211 -22.24 8.48 -27.69
CA SER C 211 -23.66 8.81 -27.78
C SER C 211 -24.12 9.58 -26.54
N THR C 212 -23.55 9.29 -25.37
CA THR C 212 -23.94 9.98 -24.15
C THR C 212 -23.26 11.34 -24.02
N HIS C 213 -22.05 11.48 -24.55
CA HIS C 213 -21.25 12.70 -24.40
C HIS C 213 -20.83 13.17 -25.78
N PRO C 214 -21.77 13.70 -26.55
CA PRO C 214 -21.42 14.13 -27.91
C PRO C 214 -20.35 15.20 -27.90
N ASN C 215 -19.52 15.19 -28.94
CA ASN C 215 -18.56 16.25 -29.19
C ASN C 215 -17.49 16.31 -28.11
N THR C 216 -17.14 15.15 -27.59
CA THR C 216 -16.07 15.02 -26.60
C THR C 216 -15.01 14.04 -27.09
N GLU C 217 -14.81 14.00 -28.41
CA GLU C 217 -13.95 12.99 -29.01
C GLU C 217 -12.51 13.07 -28.51
N THR C 218 -12.02 14.27 -28.20
CA THR C 218 -10.66 14.38 -27.68
C THR C 218 -10.54 13.71 -26.32
N VAL C 219 -11.62 13.62 -25.55
CA VAL C 219 -11.57 12.87 -24.30
C VAL C 219 -11.40 11.38 -24.58
N PHE C 220 -12.17 10.85 -25.53
CA PHE C 220 -12.02 9.42 -25.80
C PHE C 220 -10.66 9.14 -26.41
N GLU C 221 -10.13 10.08 -27.21
CA GLU C 221 -8.79 9.90 -27.74
C GLU C 221 -7.78 9.78 -26.60
N ALA C 222 -7.92 10.63 -25.58
CA ALA C 222 -6.98 10.57 -24.46
C ALA C 222 -7.10 9.23 -23.74
N PHE C 223 -8.32 8.71 -23.64
CA PHE C 223 -8.52 7.41 -23.01
C PHE C 223 -7.78 6.31 -23.76
N LEU C 224 -7.92 6.26 -25.09
CA LEU C 224 -7.30 5.18 -25.86
C LEU C 224 -5.79 5.28 -25.80
N LYS C 225 -5.25 6.50 -25.83
CA LYS C 225 -3.81 6.67 -25.71
C LYS C 225 -3.32 6.12 -24.38
N SER C 226 -4.03 6.45 -23.30
CA SER C 226 -3.63 6.01 -21.98
C SER C 226 -3.76 4.49 -21.83
N TYR C 227 -4.86 3.93 -22.33
CA TYR C 227 -5.04 2.49 -22.34
C TYR C 227 -3.89 1.81 -23.09
N SER C 228 -3.55 2.34 -24.27
CA SER C 228 -2.46 1.76 -25.06
C SER C 228 -1.13 1.80 -24.31
N THR C 229 -0.85 2.91 -23.62
CA THR C 229 0.39 3.02 -22.86
C THR C 229 0.39 2.07 -21.66
N SER C 230 -0.78 1.87 -21.03
CA SER C 230 -0.87 1.25 -19.73
C SER C 230 -0.94 -0.27 -19.77
N SER C 231 -1.51 -0.85 -20.83
CA SER C 231 -1.71 -2.30 -20.92
C SER C 231 -0.55 -2.95 -21.67
N LYS C 232 -0.01 -4.03 -21.11
CA LYS C 232 1.06 -4.74 -21.80
C LYS C 232 0.58 -5.42 -23.09
N LYS C 233 -0.72 -5.66 -23.23
CA LYS C 233 -1.27 -6.48 -24.30
C LYS C 233 -2.17 -5.67 -25.23
N ALA C 234 -2.01 -4.35 -25.27
CA ALA C 234 -3.01 -3.52 -25.93
C ALA C 234 -2.97 -3.61 -27.45
N ARG C 235 -1.80 -3.90 -28.04
CA ARG C 235 -1.71 -3.83 -29.50
C ARG C 235 -2.71 -4.74 -30.20
N PRO C 236 -2.80 -6.03 -29.89
CA PRO C 236 -3.83 -6.87 -30.55
C PRO C 236 -5.25 -6.46 -30.20
N VAL C 237 -5.46 -5.93 -29.00
CA VAL C 237 -6.80 -5.50 -28.60
C VAL C 237 -7.24 -4.30 -29.44
N LEU C 238 -6.36 -3.33 -29.62
CA LEU C 238 -6.71 -2.17 -30.43
C LEU C 238 -6.88 -2.55 -31.90
N LYS C 239 -6.15 -3.56 -32.39
CA LYS C 239 -6.41 -4.04 -33.74
C LYS C 239 -7.80 -4.64 -33.85
N LYS C 240 -8.20 -5.43 -32.84
CA LYS C 240 -9.55 -5.99 -32.84
C LYS C 240 -10.60 -4.89 -32.70
N LEU C 241 -10.30 -3.82 -31.95
CA LEU C 241 -11.27 -2.73 -31.84
C LEU C 241 -11.58 -2.14 -33.22
N ASP C 242 -10.56 -1.93 -34.03
CA ASP C 242 -10.81 -1.46 -35.40
C ASP C 242 -11.66 -2.45 -36.18
N GLU C 243 -11.38 -3.75 -36.04
CA GLU C 243 -12.16 -4.75 -36.78
C GLU C 243 -13.62 -4.75 -36.37
N VAL C 244 -13.88 -4.68 -35.06
CA VAL C 244 -15.24 -4.71 -34.56
C VAL C 244 -15.99 -3.45 -34.96
N ARG C 245 -15.30 -2.30 -34.95
CA ARG C 245 -15.90 -1.05 -35.42
C ARG C 245 -16.44 -1.21 -36.83
N LEU C 246 -15.60 -1.75 -37.73
CA LEU C 246 -16.01 -1.83 -39.11
C LEU C 246 -17.19 -2.78 -39.29
N ARG C 247 -17.13 -3.94 -38.63
CA ARG C 247 -18.25 -4.88 -38.73
C ARG C 247 -19.50 -4.31 -38.09
N GLY C 248 -19.36 -3.60 -36.98
CA GLY C 248 -20.51 -3.08 -36.26
C GLY C 248 -20.95 -4.00 -35.14
N HIS D 3 -13.91 -5.05 31.16
CA HIS D 3 -14.60 -6.21 30.59
C HIS D 3 -16.06 -5.93 30.30
N MET D 4 -16.50 -6.27 29.08
CA MET D 4 -17.93 -6.29 28.82
C MET D 4 -18.20 -6.67 27.36
N GLN D 5 -19.46 -7.00 27.12
CA GLN D 5 -19.89 -7.68 25.91
C GLN D 5 -20.16 -6.69 24.79
N LEU D 6 -20.22 -7.22 23.58
CA LEU D 6 -20.72 -6.53 22.41
C LEU D 6 -21.86 -7.36 21.85
N THR D 7 -23.04 -6.76 21.68
CA THR D 7 -24.19 -7.47 21.15
C THR D 7 -24.81 -6.66 20.01
N HIS D 8 -25.10 -7.34 18.90
CA HIS D 8 -25.63 -6.72 17.71
C HIS D 8 -26.79 -7.53 17.14
N GLN D 9 -27.82 -6.82 16.68
CA GLN D 9 -28.91 -7.48 15.99
C GLN D 9 -28.49 -7.80 14.57
N LEU D 10 -28.91 -8.96 14.07
CA LEU D 10 -28.73 -9.29 12.67
C LEU D 10 -29.81 -8.59 11.84
N ASP D 11 -29.40 -7.83 10.83
CA ASP D 11 -30.35 -7.04 10.05
C ASP D 11 -31.34 -7.90 9.28
N LEU D 12 -30.84 -8.98 8.67
CA LEU D 12 -31.68 -9.85 7.85
C LEU D 12 -32.51 -10.81 8.70
N PHE D 13 -32.12 -11.02 9.97
CA PHE D 13 -32.84 -11.92 10.88
C PHE D 13 -33.14 -11.12 12.15
N PRO D 14 -34.15 -10.25 12.10
CA PRO D 14 -34.32 -9.27 13.18
C PRO D 14 -34.60 -9.87 14.55
N GLU D 15 -35.04 -11.13 14.63
CA GLU D 15 -35.24 -11.75 15.94
C GLU D 15 -33.95 -12.26 16.56
N CYS D 16 -32.83 -12.22 15.84
CA CYS D 16 -31.58 -12.85 16.25
C CYS D 16 -30.55 -11.81 16.64
N ARG D 17 -29.75 -12.14 17.66
CA ARG D 17 -28.70 -11.26 18.16
C ARG D 17 -27.40 -12.06 18.28
N VAL D 18 -26.29 -11.37 18.05
CA VAL D 18 -24.96 -11.96 18.17
C VAL D 18 -24.24 -11.25 19.29
N THR D 19 -23.67 -12.02 20.23
CA THR D 19 -22.90 -11.48 21.33
C THR D 19 -21.46 -11.93 21.22
N LEU D 20 -20.54 -11.00 21.47
CA LEU D 20 -19.10 -11.26 21.52
C LEU D 20 -18.60 -11.08 22.95
N LEU D 21 -17.81 -12.03 23.43
CA LEU D 21 -17.14 -11.92 24.72
C LEU D 21 -15.66 -12.19 24.51
N LEU D 22 -14.81 -11.31 25.05
CA LEU D 22 -13.37 -11.40 24.88
C LEU D 22 -12.68 -11.62 26.21
N PHE D 23 -11.73 -12.55 26.23
CA PHE D 23 -10.98 -12.88 27.45
C PHE D 23 -9.49 -12.94 27.16
N LYS D 24 -8.69 -12.54 28.15
CA LYS D 24 -7.24 -12.68 28.07
C LYS D 24 -6.75 -13.39 29.32
N ASP D 25 -5.46 -13.73 29.33
CA ASP D 25 -4.85 -14.43 30.46
C ASP D 25 -5.57 -15.74 30.78
N VAL D 26 -6.06 -16.41 29.73
CA VAL D 26 -6.86 -17.61 29.90
C VAL D 26 -5.95 -18.79 30.19
N LYS D 27 -6.32 -19.60 31.20
CA LYS D 27 -5.50 -20.71 31.64
C LYS D 27 -6.08 -22.08 31.32
N ASN D 28 -7.33 -22.16 30.87
CA ASN D 28 -7.97 -23.45 30.67
C ASN D 28 -8.53 -23.59 29.26
N ALA D 29 -7.81 -23.07 28.27
CA ALA D 29 -8.30 -23.19 26.89
C ALA D 29 -8.47 -24.65 26.48
N GLY D 30 -7.61 -25.54 26.98
CA GLY D 30 -7.78 -26.95 26.68
C GLY D 30 -9.11 -27.48 27.15
N ASP D 31 -9.47 -27.18 28.40
CA ASP D 31 -10.76 -27.62 28.93
C ASP D 31 -11.91 -27.00 28.13
N LEU D 32 -11.77 -25.72 27.78
CA LEU D 32 -12.83 -25.03 27.03
C LEU D 32 -13.04 -25.69 25.67
N ARG D 33 -11.96 -26.06 24.99
CA ARG D 33 -12.07 -26.73 23.71
C ARG D 33 -12.80 -28.05 23.84
N ARG D 34 -12.52 -28.80 24.90
CA ARG D 34 -13.23 -30.07 25.12
C ARG D 34 -14.71 -29.84 25.40
N LYS D 35 -15.04 -28.82 26.18
CA LYS D 35 -16.45 -28.52 26.43
C LYS D 35 -17.17 -28.10 25.16
N ALA D 36 -16.52 -27.28 24.34
CA ALA D 36 -17.12 -26.88 23.08
C ALA D 36 -17.40 -28.10 22.19
N MET D 37 -16.45 -29.02 22.11
CA MET D 37 -16.65 -30.25 21.35
C MET D 37 -17.75 -31.10 21.97
N GLU D 38 -17.81 -31.16 23.28
CA GLU D 38 -18.87 -31.92 23.93
C GLU D 38 -20.21 -31.20 23.91
N GLY D 39 -20.22 -29.92 23.53
CA GLY D 39 -21.45 -29.16 23.49
C GLY D 39 -21.93 -28.66 24.83
N THR D 40 -21.08 -28.66 25.86
CA THR D 40 -21.50 -28.18 27.17
C THR D 40 -21.18 -26.71 27.38
N ILE D 41 -20.60 -26.06 26.39
CA ILE D 41 -20.43 -24.61 26.38
C ILE D 41 -21.10 -24.10 25.12
N ASP D 42 -21.79 -22.95 25.23
CA ASP D 42 -22.78 -22.60 24.22
C ASP D 42 -22.16 -22.20 22.88
N GLY D 43 -21.33 -21.16 22.85
CA GLY D 43 -21.00 -20.48 21.62
C GLY D 43 -19.88 -21.07 20.78
N SER D 44 -19.37 -20.23 19.87
CA SER D 44 -18.20 -20.55 19.07
C SER D 44 -16.97 -19.99 19.79
N LEU D 45 -15.94 -20.82 19.95
CA LEU D 45 -14.70 -20.41 20.59
C LEU D 45 -13.71 -20.08 19.49
N ILE D 46 -13.33 -18.81 19.38
CA ILE D 46 -12.64 -18.30 18.20
C ILE D 46 -11.31 -17.69 18.64
N ASN D 47 -10.29 -17.87 17.81
CA ASN D 47 -8.98 -17.25 18.01
C ASN D 47 -9.05 -15.75 17.80
N PRO D 48 -8.93 -14.91 18.85
CA PRO D 48 -9.07 -13.46 18.63
C PRO D 48 -7.89 -12.81 17.94
N THR D 49 -6.76 -13.51 17.83
CA THR D 49 -5.60 -12.88 17.23
C THR D 49 -5.74 -12.72 15.73
N VAL D 50 -6.74 -13.35 15.11
CA VAL D 50 -6.94 -13.20 13.67
C VAL D 50 -8.21 -12.43 13.34
N ILE D 51 -8.80 -11.74 14.32
CA ILE D 51 -10.03 -10.99 14.13
C ILE D 51 -9.70 -9.50 14.13
N VAL D 52 -9.90 -8.82 12.98
CA VAL D 52 -9.50 -7.42 12.88
C VAL D 52 -10.62 -6.43 13.22
N ASP D 53 -11.87 -6.88 13.29
CA ASP D 53 -13.00 -6.00 13.53
C ASP D 53 -14.23 -6.84 13.85
N PRO D 54 -15.12 -6.38 14.73
CA PRO D 54 -16.35 -7.16 14.98
C PRO D 54 -17.18 -7.39 13.73
N PHE D 55 -17.09 -6.50 12.73
CA PHE D 55 -17.82 -6.68 11.49
C PHE D 55 -17.46 -8.02 10.84
N GLN D 56 -16.20 -8.43 10.97
CA GLN D 56 -15.77 -9.72 10.47
C GLN D 56 -16.57 -10.85 11.13
N ILE D 57 -16.78 -10.76 12.45
CA ILE D 57 -17.61 -11.75 13.14
C ILE D 57 -19.06 -11.67 12.69
N LEU D 58 -19.59 -10.46 12.55
CA LEU D 58 -21.01 -10.29 12.21
C LEU D 58 -21.30 -10.83 10.82
N VAL D 59 -20.37 -10.63 9.87
CA VAL D 59 -20.54 -11.18 8.53
C VAL D 59 -20.55 -12.71 8.58
N ALA D 60 -19.61 -13.29 9.33
CA ALA D 60 -19.59 -14.75 9.45
C ALA D 60 -20.88 -15.25 10.11
N ALA D 61 -21.35 -14.53 11.13
CA ALA D 61 -22.53 -14.99 11.84
C ALA D 61 -23.79 -14.86 10.98
N ASN D 62 -23.91 -13.76 10.23
CA ASN D 62 -25.07 -13.60 9.35
C ASN D 62 -25.19 -14.76 8.37
N LYS D 63 -24.08 -15.09 7.70
CA LYS D 63 -24.12 -16.17 6.72
C LYS D 63 -24.37 -17.51 7.39
N ALA D 64 -23.85 -17.70 8.60
CA ALA D 64 -24.09 -18.95 9.30
C ALA D 64 -25.59 -19.12 9.61
N VAL D 65 -26.24 -18.05 10.07
CA VAL D 65 -27.66 -18.15 10.39
C VAL D 65 -28.48 -18.36 9.14
N HIS D 66 -28.12 -17.65 8.07
CA HIS D 66 -28.73 -17.82 6.76
C HIS D 66 -28.77 -19.29 6.35
N LEU D 67 -27.59 -19.92 6.29
CA LEU D 67 -27.54 -21.30 5.86
C LEU D 67 -28.12 -22.22 6.91
N TYR D 68 -28.04 -21.86 8.20
CA TYR D 68 -28.70 -22.67 9.22
C TYR D 68 -30.20 -22.76 8.95
N LYS D 69 -30.84 -21.62 8.72
CA LYS D 69 -32.28 -21.62 8.50
C LYS D 69 -32.66 -22.28 7.19
N LEU D 70 -31.79 -22.16 6.18
CA LEU D 70 -32.03 -22.87 4.94
C LEU D 70 -31.76 -24.37 5.07
N GLY D 71 -31.12 -24.78 6.15
CA GLY D 71 -30.70 -26.17 6.30
C GLY D 71 -29.65 -26.58 5.30
N LYS D 72 -28.71 -25.68 4.99
CA LYS D 72 -27.67 -25.99 4.02
C LYS D 72 -26.30 -25.50 4.50
N MET D 73 -26.02 -25.60 5.79
CA MET D 73 -24.67 -25.25 6.21
C MET D 73 -23.65 -26.29 5.76
N LYS D 74 -22.40 -25.83 5.62
CA LYS D 74 -21.30 -26.72 5.26
C LYS D 74 -20.89 -27.61 6.42
N THR D 75 -20.96 -27.10 7.65
CA THR D 75 -20.48 -27.82 8.83
C THR D 75 -21.66 -28.35 9.65
N ARG D 76 -21.31 -29.06 10.74
CA ARG D 76 -22.30 -29.83 11.49
C ARG D 76 -23.20 -28.98 12.37
N THR D 77 -22.71 -27.85 12.89
CA THR D 77 -23.46 -27.04 13.84
C THR D 77 -23.30 -25.56 13.53
N LEU D 78 -24.26 -24.78 14.03
CA LEU D 78 -24.18 -23.33 13.87
C LEU D 78 -22.87 -22.80 14.45
N SER D 79 -22.44 -23.36 15.58
CA SER D 79 -21.22 -22.87 16.22
C SER D 79 -19.99 -23.14 15.34
N THR D 80 -19.88 -24.33 14.76
CA THR D 80 -18.78 -24.57 13.83
C THR D 80 -18.94 -23.74 12.56
N GLU D 81 -20.18 -23.47 12.16
CA GLU D 81 -20.41 -22.74 10.91
C GLU D 81 -19.87 -21.32 10.98
N ILE D 82 -20.08 -20.64 12.12
CA ILE D 82 -19.55 -19.29 12.29
C ILE D 82 -18.05 -19.30 12.14
N ILE D 83 -17.38 -20.25 12.78
CA ILE D 83 -15.92 -20.33 12.72
C ILE D 83 -15.49 -20.63 11.29
N PHE D 84 -16.15 -21.58 10.63
CA PHE D 84 -15.77 -21.95 9.28
C PHE D 84 -15.85 -20.75 8.35
N ASN D 85 -16.91 -19.95 8.48
CA ASN D 85 -17.09 -18.83 7.56
C ASN D 85 -15.99 -17.80 7.66
N LEU D 86 -15.26 -17.76 8.77
CA LEU D 86 -14.14 -16.81 8.87
C LEU D 86 -13.00 -17.18 7.94
N SER D 87 -12.83 -18.46 7.65
CA SER D 87 -11.73 -18.92 6.83
C SER D 87 -11.89 -18.45 5.38
N PRO D 88 -10.79 -18.12 4.71
CA PRO D 88 -10.87 -17.82 3.27
C PRO D 88 -11.01 -19.03 2.36
N ASN D 89 -10.85 -20.25 2.89
CA ASN D 89 -10.87 -21.48 2.11
C ASN D 89 -12.03 -22.36 2.58
N ASN D 90 -12.33 -23.39 1.79
CA ASN D 90 -13.46 -24.26 2.08
C ASN D 90 -13.06 -25.58 2.74
N ASN D 91 -11.80 -25.71 3.16
CA ASN D 91 -11.35 -26.89 3.88
C ASN D 91 -11.83 -26.79 5.33
N ILE D 92 -12.86 -27.59 5.67
CA ILE D 92 -13.54 -27.40 6.95
C ILE D 92 -12.58 -27.68 8.10
N SER D 93 -11.82 -28.78 8.01
CA SER D 93 -10.94 -29.15 9.11
C SER D 93 -9.89 -28.08 9.38
N GLU D 94 -9.26 -27.56 8.33
CA GLU D 94 -8.25 -26.52 8.51
C GLU D 94 -8.87 -25.24 9.10
N ALA D 95 -10.06 -24.89 8.65
CA ALA D 95 -10.70 -23.67 9.16
C ALA D 95 -10.92 -23.77 10.66
N LEU D 96 -11.46 -24.90 11.11
CA LEU D 96 -11.73 -25.05 12.53
C LEU D 96 -10.44 -25.04 13.35
N LYS D 97 -9.34 -25.54 12.78
CA LYS D 97 -8.07 -25.54 13.50
C LYS D 97 -7.44 -24.16 13.56
N LYS D 98 -7.46 -23.42 12.46
CA LYS D 98 -6.78 -22.13 12.42
C LYS D 98 -7.58 -21.03 13.10
N PHE D 99 -8.91 -21.06 13.01
CA PHE D 99 -9.73 -20.00 13.57
C PHE D 99 -10.40 -20.37 14.89
N GLY D 100 -10.36 -21.65 15.28
CA GLY D 100 -10.79 -22.06 16.59
C GLY D 100 -9.66 -21.90 17.59
N ILE D 101 -9.89 -22.41 18.79
CA ILE D 101 -8.91 -22.27 19.85
C ILE D 101 -8.14 -23.57 20.03
N SER D 102 -6.95 -23.44 20.61
CA SER D 102 -6.08 -24.56 20.92
C SER D 102 -5.71 -24.49 22.39
N ALA D 103 -5.20 -25.62 22.90
CA ALA D 103 -5.02 -25.80 24.34
C ALA D 103 -4.08 -24.77 24.95
N ASN D 104 -3.13 -24.24 24.19
CA ASN D 104 -2.16 -23.30 24.74
C ASN D 104 -2.57 -21.83 24.59
N ASP D 105 -3.69 -21.53 23.93
CA ASP D 105 -4.06 -20.14 23.72
C ASP D 105 -4.39 -19.45 25.04
N THR D 106 -4.02 -18.18 25.16
CA THR D 106 -4.31 -17.40 26.36
C THR D 106 -5.33 -16.30 26.13
N SER D 107 -5.78 -16.09 24.90
CA SER D 107 -6.87 -15.18 24.62
C SER D 107 -7.95 -15.93 23.86
N ILE D 108 -9.21 -15.64 24.18
CA ILE D 108 -10.32 -16.37 23.61
C ILE D 108 -11.42 -15.39 23.28
N LEU D 109 -12.03 -15.55 22.11
CA LEU D 109 -13.24 -14.81 21.77
C LEU D 109 -14.38 -15.82 21.72
N ILE D 110 -15.45 -15.55 22.47
CA ILE D 110 -16.63 -16.39 22.47
C ILE D 110 -17.73 -15.64 21.76
N VAL D 111 -18.37 -16.29 20.78
CA VAL D 111 -19.44 -15.69 20.01
C VAL D 111 -20.66 -16.60 20.09
N TYR D 112 -21.81 -16.04 20.46
CA TYR D 112 -23.02 -16.85 20.47
C TYR D 112 -24.19 -16.05 19.91
N ILE D 113 -25.22 -16.77 19.48
CA ILE D 113 -26.39 -16.20 18.83
C ILE D 113 -27.63 -16.56 19.64
N GLU D 114 -28.51 -15.57 19.82
CA GLU D 114 -29.74 -15.71 20.56
C GLU D 114 -30.91 -15.39 19.66
N GLU D 115 -31.97 -16.19 19.73
CA GLU D 115 -33.17 -15.97 18.95
C GLU D 115 -34.36 -15.86 19.89
N GLY D 116 -35.18 -14.83 19.70
CA GLY D 116 -36.28 -14.60 20.61
C GLY D 116 -35.80 -14.42 22.03
N GLU D 117 -36.37 -15.19 22.95
CA GLU D 117 -36.04 -15.07 24.36
C GLU D 117 -34.60 -15.50 24.63
N LYS D 118 -33.91 -14.70 25.45
CA LYS D 118 -32.48 -14.88 25.73
C LYS D 118 -32.29 -16.10 26.61
N GLN D 119 -31.91 -17.23 26.01
CA GLN D 119 -31.79 -18.49 26.71
C GLN D 119 -30.35 -18.82 27.12
N ILE D 120 -29.41 -17.90 26.94
CA ILE D 120 -28.02 -18.16 27.28
C ILE D 120 -27.65 -17.46 28.59
N ASN D 121 -27.14 -18.25 29.53
CA ASN D 121 -26.72 -17.78 30.84
C ASN D 121 -25.31 -17.20 30.72
N GLN D 122 -25.22 -15.88 30.55
CA GLN D 122 -23.91 -15.30 30.25
C GLN D 122 -22.98 -15.38 31.45
N GLU D 123 -23.53 -15.21 32.65
CA GLU D 123 -22.71 -15.34 33.85
C GLU D 123 -22.12 -16.73 33.96
N TYR D 124 -22.95 -17.76 33.70
CA TYR D 124 -22.44 -19.13 33.73
C TYR D 124 -21.32 -19.31 32.71
N LEU D 125 -21.54 -18.80 31.50
CA LEU D 125 -20.52 -18.91 30.45
C LEU D 125 -19.21 -18.26 30.90
N ILE D 126 -19.29 -17.02 31.38
CA ILE D 126 -18.10 -16.32 31.85
C ILE D 126 -17.41 -17.10 32.96
N SER D 127 -18.19 -17.68 33.88
CA SER D 127 -17.59 -18.42 35.00
C SER D 127 -16.82 -19.65 34.55
N GLN D 128 -17.11 -20.17 33.36
CA GLN D 128 -16.40 -21.34 32.86
C GLN D 128 -15.00 -21.00 32.36
N VAL D 129 -14.67 -19.73 32.16
CA VAL D 129 -13.40 -19.35 31.57
C VAL D 129 -12.45 -18.96 32.70
N GLU D 130 -11.30 -19.64 32.77
CA GLU D 130 -10.28 -19.33 33.78
C GLU D 130 -9.39 -18.22 33.22
N GLY D 131 -9.90 -17.00 33.28
CA GLY D 131 -9.23 -15.88 32.66
C GLY D 131 -9.96 -14.59 32.97
N HIS D 132 -9.43 -13.50 32.40
CA HIS D 132 -9.93 -12.16 32.68
C HIS D 132 -10.69 -11.66 31.46
N GLN D 133 -11.98 -11.38 31.64
CA GLN D 133 -12.77 -10.76 30.59
C GLN D 133 -12.32 -9.32 30.39
N VAL D 134 -12.32 -8.87 29.14
CA VAL D 134 -11.90 -7.52 28.77
C VAL D 134 -12.87 -6.95 27.75
N SER D 135 -12.87 -5.63 27.65
CA SER D 135 -13.69 -4.97 26.65
C SER D 135 -13.27 -5.39 25.25
N LEU D 136 -14.26 -5.52 24.36
CA LEU D 136 -13.94 -5.72 22.95
C LEU D 136 -13.24 -4.52 22.33
N LYS D 137 -13.27 -3.36 22.98
CA LYS D 137 -12.42 -2.26 22.53
C LYS D 137 -10.95 -2.65 22.56
N ASN D 138 -10.59 -3.66 23.35
CA ASN D 138 -9.22 -4.16 23.41
C ASN D 138 -8.88 -5.13 22.30
N LEU D 139 -9.83 -5.53 21.46
CA LEU D 139 -9.52 -6.49 20.41
C LEU D 139 -8.33 -6.09 19.56
N PRO D 140 -8.21 -4.84 19.09
CA PRO D 140 -7.04 -4.48 18.27
C PRO D 140 -5.72 -4.70 18.98
N GLU D 141 -5.69 -4.60 20.31
CA GLU D 141 -4.46 -4.90 21.04
C GLU D 141 -4.09 -6.37 20.97
N ILE D 142 -5.08 -7.25 20.83
CA ILE D 142 -4.82 -8.68 20.81
C ILE D 142 -4.58 -9.19 19.39
N MET D 143 -5.22 -8.58 18.40
CA MET D 143 -5.06 -9.02 17.02
C MET D 143 -3.59 -8.94 16.63
N ASN D 144 -3.12 -9.97 15.92
CA ASN D 144 -1.74 -10.05 15.45
C ASN D 144 -1.73 -9.86 13.93
N ILE D 145 -1.36 -8.65 13.50
CA ILE D 145 -1.47 -8.27 12.09
C ILE D 145 -0.70 -9.24 11.20
N THR D 146 0.47 -9.72 11.65
CA THR D 146 1.26 -10.60 10.79
C THR D 146 0.55 -11.94 10.60
N GLU D 147 -0.10 -12.42 11.64
CA GLU D 147 -0.81 -13.70 11.53
C GLU D 147 -2.03 -13.55 10.62
N VAL D 148 -2.72 -12.40 10.69
CA VAL D 148 -3.87 -12.15 9.82
C VAL D 148 -3.45 -12.16 8.35
N LYS D 149 -2.33 -11.50 8.03
CA LYS D 149 -1.88 -11.46 6.64
C LYS D 149 -1.50 -12.84 6.15
N LYS D 150 -0.91 -13.67 7.02
CA LYS D 150 -0.52 -15.02 6.60
C LYS D 150 -1.73 -15.90 6.34
N ILE D 151 -2.73 -15.85 7.23
CA ILE D 151 -3.87 -16.76 7.09
C ILE D 151 -4.67 -16.40 5.85
N TYR D 152 -4.94 -15.13 5.65
CA TYR D 152 -5.79 -14.69 4.55
C TYR D 152 -4.99 -14.43 3.28
N LYS D 153 -3.66 -14.56 3.34
CA LYS D 153 -2.80 -14.35 2.16
C LYS D 153 -3.05 -12.99 1.52
N LEU D 154 -3.18 -11.97 2.38
CA LEU D 154 -3.40 -10.61 1.90
C LEU D 154 -2.13 -10.04 1.27
N SER D 155 -2.30 -9.25 0.22
CA SER D 155 -1.18 -8.61 -0.46
C SER D 155 -1.23 -7.10 -0.20
N SER D 156 -0.06 -6.45 -0.37
CA SER D 156 -0.05 -4.99 -0.25
C SER D 156 -0.88 -4.35 -1.36
N GLN D 157 -0.99 -5.02 -2.51
CA GLN D 157 -1.85 -4.53 -3.59
C GLN D 157 -3.29 -4.30 -3.10
N GLU D 158 -3.80 -5.22 -2.29
CA GLU D 158 -5.14 -5.04 -1.76
C GLU D 158 -5.21 -3.88 -0.77
N GLU D 159 -4.15 -3.71 0.03
CA GLU D 159 -4.11 -2.62 0.99
C GLU D 159 -4.08 -1.27 0.31
N SER D 160 -3.56 -1.21 -0.91
CA SER D 160 -3.47 0.07 -1.59
C SER D 160 -4.84 0.64 -1.93
N ILE D 161 -5.88 -0.20 -2.02
CA ILE D 161 -7.20 0.26 -2.42
C ILE D 161 -8.23 0.12 -1.33
N GLY D 162 -7.85 -0.34 -0.14
CA GLY D 162 -8.81 -0.52 0.92
C GLY D 162 -8.13 -1.04 2.15
N THR D 163 -8.94 -1.33 3.16
CA THR D 163 -8.44 -1.80 4.44
C THR D 163 -8.18 -3.30 4.40
N LEU D 164 -7.43 -3.78 5.39
CA LEU D 164 -7.27 -5.22 5.53
C LEU D 164 -8.63 -5.88 5.75
N LEU D 165 -9.48 -5.26 6.57
CA LEU D 165 -10.80 -5.81 6.84
C LEU D 165 -11.56 -6.02 5.54
N ASP D 166 -11.54 -5.00 4.67
CA ASP D 166 -12.31 -5.12 3.42
C ASP D 166 -11.81 -6.29 2.58
N ALA D 167 -10.49 -6.48 2.51
CA ALA D 167 -9.96 -7.61 1.75
C ALA D 167 -10.40 -8.94 2.37
N ILE D 168 -10.39 -9.02 3.70
CA ILE D 168 -10.85 -10.23 4.40
C ILE D 168 -12.32 -10.49 4.09
N ILE D 169 -13.17 -9.46 4.22
CA ILE D 169 -14.59 -9.66 3.99
C ILE D 169 -14.84 -10.13 2.57
N CYS D 170 -14.15 -9.54 1.60
CA CYS D 170 -14.36 -9.94 0.21
C CYS D 170 -14.01 -11.41 0.01
N ARG D 171 -12.97 -11.89 0.69
CA ARG D 171 -12.68 -13.32 0.61
C ARG D 171 -13.76 -14.16 1.27
N MET D 172 -14.12 -13.82 2.51
CA MET D 172 -15.11 -14.62 3.21
C MET D 172 -16.43 -14.70 2.44
N SER D 173 -16.84 -13.58 1.85
CA SER D 173 -18.19 -13.50 1.33
C SER D 173 -18.34 -14.17 -0.03
N THR D 174 -17.23 -14.53 -0.68
CA THR D 174 -17.31 -15.11 -2.02
C THR D 174 -16.70 -16.50 -2.11
N LYS D 175 -16.19 -17.06 -1.00
CA LYS D 175 -15.53 -18.36 -1.13
C LYS D 175 -16.50 -19.47 -1.50
N ASP D 176 -17.80 -19.27 -1.33
CA ASP D 176 -18.73 -20.32 -1.67
C ASP D 176 -18.99 -20.41 -3.17
N VAL D 177 -18.43 -19.51 -3.97
CA VAL D 177 -18.52 -19.65 -5.42
C VAL D 177 -17.12 -19.74 -6.02
N LEU D 178 -16.16 -20.20 -5.22
CA LEU D 178 -14.80 -20.46 -5.66
C LEU D 178 -14.10 -19.16 -6.04
O1 TAR E . 24.48 5.35 12.02
O11 TAR E . 25.08 7.29 12.94
C1 TAR E . 25.16 6.03 12.82
C2 TAR E . 26.14 5.33 13.71
O2 TAR E . 26.03 3.91 13.55
C3 TAR E . 27.57 5.78 13.33
O3 TAR E . 27.85 5.44 11.97
C4 TAR E . 28.53 5.05 14.23
O4 TAR E . 29.36 4.27 13.69
O41 TAR E . 28.45 5.27 15.45
C7 DO0 F . 17.02 11.91 11.23
C9 DO0 F . 18.07 10.35 9.79
N1 DO0 F . 14.38 16.10 13.07
C2 DO0 F . 16.84 14.80 14.96
C10 DO0 F . 19.01 10.07 10.75
C4 DO0 F . 13.38 15.85 13.99
O4 DO0 F . 18.23 12.52 14.45
C6 DO0 F . 14.60 13.71 14.46
N DO0 F . 16.55 13.27 13.04
C DO0 F . 16.09 12.94 11.76
O DO0 F . 15.12 13.43 11.23
C1 DO0 F . 15.88 14.29 13.86
C11 DO0 F . 18.97 10.71 11.98
C12 DO0 F . 17.97 11.64 12.21
C13 DO0 F . 17.66 12.49 13.38
C3 DO0 F . 15.61 15.50 12.99
C5 DO0 F . 13.68 14.79 15.00
C8 DO0 F . 17.05 11.27 10.01
O1 DO0 F . 12.34 16.47 13.95
O2 DO0 F . 16.47 15.92 12.23
O3 DO0 F . 19.91 10.43 12.91
H1 DO0 F . 18.12 9.91 8.95
H2 DO0 F . 14.21 16.72 12.47
H3 DO0 F . 16.43 15.53 15.43
H4 DO0 F . 17.68 15.08 14.56
H5 DO0 F . 17.02 14.08 15.59
H6 DO0 F . 19.71 9.44 10.57
H7 DO0 F . 14.82 13.09 15.17
H8 DO0 F . 14.13 13.21 13.77
H9 DO0 F . 14.09 15.21 15.78
H10 DO0 F . 12.83 14.39 15.28
H11 DO0 F . 16.39 11.44 9.35
H12 DO0 F . 19.55 10.34 13.67
O1 TAR G . -27.47 -8.11 -16.14
O11 TAR G . -28.00 -5.96 -16.41
C1 TAR G . -27.55 -6.91 -15.75
C2 TAR G . -27.04 -6.56 -14.38
O2 TAR G . -26.62 -7.78 -13.75
C3 TAR G . -25.86 -5.59 -14.48
O3 TAR G . -24.78 -6.12 -15.27
C4 TAR G . -25.35 -5.31 -13.10
O4 TAR G . -24.18 -5.69 -12.84
O41 TAR G . -26.10 -4.70 -12.29
C7 DO0 H . -23.01 1.27 -5.70
C9 DO0 H . -22.26 -0.96 -6.02
N1 DO0 H . -24.31 5.88 -3.50
C2 DO0 H . -25.86 4.99 -6.36
C10 DO0 H . -23.01 -1.06 -7.17
C4 DO0 H . -23.73 7.00 -4.05
O4 DO0 H . -25.18 2.81 -7.96
C6 DO0 H . -23.43 5.67 -6.15
N DO0 H . -24.08 3.30 -5.96
C DO0 H . -23.19 2.62 -5.12
O DO0 H . -22.68 3.09 -4.14
C1 DO0 H . -24.51 4.67 -5.68
C11 DO0 H . -23.78 0.01 -7.61
C12 DO0 H . -23.76 1.18 -6.86
C13 DO0 H . -24.45 2.48 -7.05
C3 DO0 H . -24.80 4.79 -4.19
C5 DO0 H . -23.65 7.05 -5.54
C8 DO0 H . -22.23 0.21 -5.26
O1 DO0 H . -23.30 7.88 -3.33
O2 DO0 H . -25.44 3.94 -3.61
O3 DO0 H . -24.50 -0.14 -8.75
H1 DO0 H . -21.73 -1.70 -5.74
H2 DO0 H . -24.39 5.87 -2.63
H3 DO0 H . -26.17 5.87 -6.08
H4 DO0 H . -26.51 4.32 -6.11
H5 DO0 H . -25.74 4.98 -7.32
H6 DO0 H . -23.01 -1.86 -7.66
H7 DO0 H . -23.46 5.73 -7.12
H8 DO0 H . -22.56 5.34 -5.89
H9 DO0 H . -24.47 7.44 -5.89
H10 DO0 H . -22.90 7.64 -5.79
H11 DO0 H . -21.72 0.27 -4.48
H12 DO0 H . -25.19 0.38 -8.74
#